data_6Y9S
#
_entry.id   6Y9S
#
_cell.length_a   67.109
_cell.length_b   96.185
_cell.length_c   67.560
_cell.angle_alpha   90.000
_cell.angle_beta   103.590
_cell.angle_gamma   90.000
#
_symmetry.space_group_name_H-M   'P 1 21 1'
#
loop_
_entity.id
_entity.type
_entity.pdbx_description
1 polymer 'Glycogen synthase kinase-3 beta'
2 non-polymer ~{N}-(oxan-4-ylmethyl)-6-(5-propan-2-yloxypyridin-3-yl)imidazo[1,5-a]pyridine-3-carboxamide
3 non-polymer 'ACETATE ION'
4 water water
#
_entity_poly.entity_id   1
_entity_poly.type   'polypeptide(L)'
_entity_poly.pdbx_seq_one_letter_code
;SKVTTVVATPGQGPDRPQEVSYTDTKVIGNGSFGVVYQAKLCDSGELVAIKKVLQDKRFKNRELQIMRKLDHCNIVRLRY
FFYSSGEKKDEVYLNLVLDYVPETVYRVARHYSRAKQTLPVIYVKLYMYQLFRSLAYIHSFGICHRDIKPQNLLLDPDTA
VLKLCDFGSAKQLVRGEPNVS(PTR)ICSRYYRAPELIFGATDYTSSIDVWSAGCVLAELLLGQPIFPGDSGVDQLVEII
KVLGTPTREQIREMNPNYTEFKFPQIKAHPWTKVFRPRTPPEAIALCSRLLEYTPTARLTPLEACAHSFFDELRDPNVKL
PNGRDTPALFNFTTQELSSNPPLATILIPPHARI
;
_entity_poly.pdbx_strand_id   A,B
#
# COMPACT_ATOMS: atom_id res chain seq x y z
N SER A 1 -14.16 5.50 33.46
CA SER A 1 -14.90 4.19 33.56
C SER A 1 -16.07 4.06 32.56
N LYS A 2 -15.84 4.51 31.31
CA LYS A 2 -16.89 4.61 30.29
C LYS A 2 -17.17 3.23 29.68
N VAL A 3 -18.33 2.66 30.02
CA VAL A 3 -18.77 1.33 29.60
C VAL A 3 -19.67 1.50 28.36
N THR A 4 -19.29 0.84 27.26
CA THR A 4 -20.14 0.66 26.07
C THR A 4 -20.76 -0.73 26.15
N THR A 5 -22.10 -0.79 26.14
CA THR A 5 -22.85 -2.04 26.10
C THR A 5 -23.53 -2.15 24.74
N VAL A 6 -23.30 -3.27 24.06
CA VAL A 6 -23.90 -3.57 22.75
C VAL A 6 -24.63 -4.90 22.85
N VAL A 7 -25.47 -5.17 21.86
CA VAL A 7 -26.21 -6.43 21.75
C VAL A 7 -25.62 -7.18 20.55
N ALA A 8 -25.00 -8.33 20.83
CA ALA A 8 -24.13 -9.03 19.91
C ALA A 8 -24.45 -10.51 19.86
N THR A 9 -24.35 -11.08 18.66
CA THR A 9 -24.54 -12.51 18.44
C THR A 9 -23.17 -13.17 18.61
N PRO A 10 -23.09 -14.31 19.35
CA PRO A 10 -21.81 -15.05 19.41
C PRO A 10 -21.39 -15.63 18.05
N GLY A 11 -20.08 -15.65 17.80
CA GLY A 11 -19.52 -16.06 16.50
C GLY A 11 -19.88 -17.49 16.11
N GLN A 12 -19.71 -18.39 17.08
CA GLN A 12 -20.14 -19.79 16.97
C GLN A 12 -21.45 -19.99 17.74
N GLY A 13 -22.02 -21.19 17.64
CA GLY A 13 -23.20 -21.57 18.42
C GLY A 13 -24.52 -20.94 17.95
N PRO A 14 -25.58 -20.99 18.79
CA PRO A 14 -26.91 -20.48 18.40
C PRO A 14 -27.00 -18.96 18.12
N ASP A 15 -27.95 -18.57 17.26
CA ASP A 15 -28.21 -17.16 16.93
C ASP A 15 -29.12 -16.53 17.98
N ARG A 16 -28.53 -16.27 19.14
CA ARG A 16 -29.22 -15.71 20.31
C ARG A 16 -28.40 -14.49 20.79
N PRO A 17 -28.85 -13.26 20.44
CA PRO A 17 -28.11 -12.07 20.88
C PRO A 17 -27.99 -11.93 22.40
N GLN A 18 -26.84 -11.47 22.87
CA GLN A 18 -26.61 -11.17 24.28
C GLN A 18 -25.94 -9.81 24.44
N GLU A 19 -26.05 -9.26 25.64
CA GLU A 19 -25.37 -8.02 26.00
C GLU A 19 -23.86 -8.29 26.16
N VAL A 20 -23.03 -7.43 25.55
CA VAL A 20 -21.57 -7.48 25.74
C VAL A 20 -21.14 -6.08 26.12
N SER A 21 -20.42 -5.98 27.24
CA SER A 21 -19.98 -4.72 27.80
C SER A 21 -18.46 -4.62 27.69
N TYR A 22 -17.98 -3.46 27.27
CA TYR A 22 -16.54 -3.21 27.17
C TYR A 22 -16.17 -1.75 27.45
N THR A 23 -14.86 -1.53 27.66
CA THR A 23 -14.33 -0.22 28.03
C THR A 23 -12.89 -0.06 27.50
N ASP A 24 -12.29 1.12 27.75
CA ASP A 24 -10.90 1.46 27.37
C ASP A 24 -10.65 1.30 25.85
N THR A 25 -11.58 1.81 25.04
CA THR A 25 -11.50 1.66 23.57
C THR A 25 -10.39 2.54 23.02
N LYS A 26 -9.55 1.98 22.17
CA LYS A 26 -8.45 2.71 21.52
C LYS A 26 -8.15 2.10 20.16
N VAL A 27 -7.72 2.93 19.22
CA VAL A 27 -7.43 2.51 17.85
C VAL A 27 -6.09 1.76 17.86
N ILE A 28 -6.07 0.60 17.20
CA ILE A 28 -4.85 -0.22 17.03
C ILE A 28 -4.48 -0.56 15.58
N GLY A 29 -5.23 0.00 14.62
CA GLY A 29 -5.11 -0.41 13.23
C GLY A 29 -6.17 0.24 12.39
N ASN A 30 -5.88 0.42 11.11
CA ASN A 30 -6.86 0.92 10.14
C ASN A 30 -6.42 0.59 8.70
N GLY A 31 -7.31 0.85 7.76
CA GLY A 31 -7.11 0.51 6.36
C GLY A 31 -8.27 1.04 5.56
N SER A 32 -8.26 0.73 4.26
CA SER A 32 -9.42 0.95 3.38
C SER A 32 -10.67 0.16 3.84
N PHE A 33 -10.45 -1.03 4.42
CA PHE A 33 -11.50 -1.84 5.05
C PHE A 33 -12.30 -1.13 6.16
N GLY A 34 -11.62 -0.26 6.91
CA GLY A 34 -12.20 0.47 8.04
C GLY A 34 -11.18 0.59 9.16
N VAL A 35 -11.60 0.26 10.38
CA VAL A 35 -10.80 0.52 11.59
C VAL A 35 -10.87 -0.69 12.55
N VAL A 36 -9.73 -0.97 13.20
CA VAL A 36 -9.64 -1.96 14.27
C VAL A 36 -9.37 -1.22 15.60
N TYR A 37 -10.21 -1.51 16.60
CA TYR A 37 -10.04 -1.03 17.97
C TYR A 37 -9.54 -2.14 18.88
N GLN A 38 -8.96 -1.74 20.01
CA GLN A 38 -8.75 -2.61 21.16
C GLN A 38 -9.73 -2.17 22.22
N ALA A 39 -10.28 -3.13 22.97
CA ALA A 39 -11.13 -2.85 24.13
C ALA A 39 -10.96 -3.92 25.18
N LYS A 40 -11.41 -3.61 26.40
CA LYS A 40 -11.39 -4.54 27.54
C LYS A 40 -12.82 -4.94 27.87
N LEU A 41 -13.10 -6.25 27.94
CA LEU A 41 -14.43 -6.75 28.33
C LEU A 41 -14.64 -6.58 29.83
N CYS A 42 -15.80 -6.04 30.21
CA CYS A 42 -16.11 -5.70 31.61
C CYS A 42 -16.12 -6.87 32.59
N ASP A 43 -16.72 -7.98 32.18
CA ASP A 43 -16.90 -9.16 33.04
C ASP A 43 -15.60 -9.91 33.26
N SER A 44 -15.02 -10.39 32.16
CA SER A 44 -13.77 -11.18 32.20
C SER A 44 -12.49 -10.37 32.46
N GLY A 45 -12.47 -9.10 32.05
CA GLY A 45 -11.24 -8.29 32.04
C GLY A 45 -10.30 -8.51 30.84
N GLU A 46 -10.67 -9.38 29.91
CA GLU A 46 -9.80 -9.76 28.79
C GLU A 46 -9.85 -8.70 27.70
N LEU A 47 -8.70 -8.50 27.07
CA LEU A 47 -8.58 -7.59 25.95
C LEU A 47 -9.14 -8.26 24.69
N VAL A 48 -9.81 -7.45 23.86
CA VAL A 48 -10.36 -7.90 22.57
C VAL A 48 -10.03 -6.87 21.49
N ALA A 49 -10.12 -7.31 20.25
CA ALA A 49 -10.07 -6.44 19.08
C ALA A 49 -11.48 -6.30 18.53
N ILE A 50 -11.87 -5.09 18.14
CA ILE A 50 -13.15 -4.84 17.45
C ILE A 50 -12.82 -4.31 16.06
N LYS A 51 -13.05 -5.14 15.03
CA LYS A 51 -12.91 -4.69 13.63
C LYS A 51 -14.24 -4.11 13.19
N LYS A 52 -14.24 -2.82 12.82
CA LYS A 52 -15.44 -2.11 12.36
C LYS A 52 -15.34 -1.83 10.85
N VAL A 53 -16.30 -2.35 10.08
CA VAL A 53 -16.35 -2.18 8.61
C VAL A 53 -17.74 -1.70 8.17
N LEU A 54 -17.79 -0.94 7.07
CA LEU A 54 -19.05 -0.47 6.48
C LEU A 54 -19.84 -1.67 5.93
N GLN A 55 -21.17 -1.62 6.04
CA GLN A 55 -22.05 -2.75 5.72
C GLN A 55 -23.34 -2.30 5.01
N ASP A 56 -23.72 -3.04 3.97
CA ASP A 56 -25.02 -2.93 3.28
C ASP A 56 -26.02 -3.91 3.92
N LYS A 57 -27.30 -3.52 3.94
CA LYS A 57 -28.36 -4.31 4.59
C LYS A 57 -28.73 -5.59 3.83
N ARG A 58 -28.90 -5.48 2.51
CA ARG A 58 -29.38 -6.60 1.68
C ARG A 58 -28.33 -7.69 1.44
N PHE A 59 -27.13 -7.29 1.01
CA PHE A 59 -26.05 -8.25 0.70
C PHE A 59 -25.40 -8.79 1.99
N LYS A 60 -25.13 -10.10 2.01
CA LYS A 60 -24.49 -10.76 3.18
C LYS A 60 -22.98 -10.55 3.17
N ASN A 61 -22.42 -10.28 4.36
CA ASN A 61 -20.98 -10.02 4.53
C ASN A 61 -20.17 -11.32 4.44
N ARG A 62 -19.26 -11.39 3.46
CA ARG A 62 -18.43 -12.59 3.20
C ARG A 62 -17.44 -12.92 4.31
N GLU A 63 -16.77 -11.90 4.85
CA GLU A 63 -15.80 -12.04 5.94
C GLU A 63 -16.44 -12.65 7.18
N LEU A 64 -17.59 -12.10 7.58
CA LEU A 64 -18.41 -12.62 8.70
C LEU A 64 -18.74 -14.11 8.56
N GLN A 65 -19.28 -14.50 7.41
CA GLN A 65 -19.65 -15.91 7.15
C GLN A 65 -18.45 -16.84 7.18
N ILE A 66 -17.31 -16.36 6.67
CA ILE A 66 -16.03 -17.09 6.78
C ILE A 66 -15.61 -17.19 8.26
N MET A 67 -15.58 -16.07 8.97
CA MET A 67 -15.00 -16.04 10.33
C MET A 67 -15.77 -16.86 11.38
N ARG A 68 -17.10 -16.90 11.25
CA ARG A 68 -17.99 -17.68 12.15
C ARG A 68 -17.70 -19.19 12.18
N LYS A 69 -17.39 -19.77 11.03
CA LYS A 69 -17.10 -21.21 10.91
C LYS A 69 -15.64 -21.65 11.18
N LEU A 70 -14.73 -20.71 11.47
CA LEU A 70 -13.33 -21.01 11.82
C LEU A 70 -13.17 -21.14 13.33
N ASP A 71 -12.54 -22.24 13.75
CA ASP A 71 -12.17 -22.49 15.13
C ASP A 71 -10.80 -23.17 15.08
N HIS A 72 -9.74 -22.39 15.33
CA HIS A 72 -8.35 -22.87 15.24
C HIS A 72 -7.44 -22.00 16.12
N CYS A 73 -6.46 -22.63 16.77
CA CYS A 73 -5.58 -21.96 17.75
C CYS A 73 -4.66 -20.90 17.14
N ASN A 74 -4.33 -21.08 15.86
CA ASN A 74 -3.60 -20.09 15.03
C ASN A 74 -4.46 -19.17 14.17
N ILE A 75 -5.73 -18.98 14.54
CA ILE A 75 -6.60 -17.94 13.96
C ILE A 75 -7.31 -17.23 15.12
N VAL A 76 -7.40 -15.89 15.06
CA VAL A 76 -8.12 -15.13 16.09
C VAL A 76 -9.60 -15.53 16.00
N ARG A 77 -10.14 -15.93 17.13
CA ARG A 77 -11.51 -16.39 17.24
C ARG A 77 -12.46 -15.18 17.10
N LEU A 78 -13.54 -15.36 16.33
CA LEU A 78 -14.66 -14.42 16.34
C LEU A 78 -15.47 -14.68 17.60
N ARG A 79 -15.36 -13.78 18.57
CA ARG A 79 -16.05 -13.90 19.86
C ARG A 79 -17.53 -13.59 19.66
N TYR A 80 -17.80 -12.40 19.11
CA TYR A 80 -19.16 -11.92 18.82
C TYR A 80 -19.13 -11.00 17.59
N PHE A 81 -20.31 -10.79 17.00
CA PHE A 81 -20.51 -9.71 16.03
C PHE A 81 -21.74 -8.88 16.37
N PHE A 82 -21.70 -7.60 16.03
CA PHE A 82 -22.81 -6.67 16.28
C PHE A 82 -22.85 -5.53 15.26
N TYR A 83 -24.02 -4.92 15.15
CA TYR A 83 -24.27 -3.81 14.24
C TYR A 83 -24.34 -2.50 15.03
N SER A 84 -23.90 -1.42 14.38
CA SER A 84 -23.83 -0.10 14.99
C SER A 84 -23.83 1.03 13.94
N SER A 85 -23.95 2.25 14.44
CA SER A 85 -23.63 3.47 13.68
C SER A 85 -22.12 3.73 13.71
N GLY A 86 -21.68 4.72 12.92
CA GLY A 86 -20.26 5.12 12.87
C GLY A 86 -20.05 6.50 12.26
N GLU A 87 -18.96 6.65 11.50
CA GLU A 87 -18.56 7.94 10.88
C GLU A 87 -19.56 8.57 9.88
N LYS A 88 -20.40 7.75 9.24
CA LYS A 88 -21.43 8.20 8.28
C LYS A 88 -22.85 8.25 8.86
N LYS A 89 -23.74 8.95 8.17
CA LYS A 89 -25.08 9.27 8.67
C LYS A 89 -26.04 8.07 8.73
N ASP A 90 -26.52 7.60 7.58
CA ASP A 90 -27.54 6.54 7.48
C ASP A 90 -26.90 5.21 7.05
N GLU A 91 -25.82 4.83 7.75
CA GLU A 91 -24.98 3.68 7.39
C GLU A 91 -24.81 2.75 8.59
N VAL A 92 -25.18 1.48 8.39
CA VAL A 92 -24.91 0.41 9.37
C VAL A 92 -23.47 -0.10 9.24
N TYR A 93 -22.82 -0.32 10.38
CA TYR A 93 -21.44 -0.82 10.46
C TYR A 93 -21.45 -2.20 11.09
N LEU A 94 -20.81 -3.18 10.44
CA LEU A 94 -20.57 -4.49 11.04
C LEU A 94 -19.35 -4.38 11.97
N ASN A 95 -19.48 -4.87 13.20
CA ASN A 95 -18.40 -4.91 14.17
C ASN A 95 -18.11 -6.37 14.47
N LEU A 96 -16.85 -6.77 14.31
CA LEU A 96 -16.40 -8.13 14.64
C LEU A 96 -15.55 -8.06 15.91
N VAL A 97 -16.02 -8.68 17.00
CA VAL A 97 -15.30 -8.73 18.28
C VAL A 97 -14.43 -9.99 18.23
N LEU A 98 -13.12 -9.78 18.20
CA LEU A 98 -12.11 -10.80 17.97
C LEU A 98 -11.17 -10.90 19.15
N ASP A 99 -10.47 -12.03 19.28
CA ASP A 99 -9.32 -12.16 20.22
C ASP A 99 -8.29 -11.06 19.95
N TYR A 100 -7.72 -10.48 21.02
CA TYR A 100 -6.59 -9.53 20.92
C TYR A 100 -5.25 -10.27 20.97
N VAL A 101 -4.29 -9.79 20.18
CA VAL A 101 -2.91 -10.31 20.16
C VAL A 101 -1.97 -9.08 20.10
N PRO A 102 -0.95 -9.01 20.98
CA PRO A 102 -0.22 -7.75 21.17
C PRO A 102 0.84 -7.32 20.13
N GLU A 103 1.24 -8.21 19.22
CA GLU A 103 2.30 -7.89 18.22
C GLU A 103 2.00 -8.45 16.86
N THR A 104 2.77 -8.00 15.86
CA THR A 104 2.72 -8.50 14.49
C THR A 104 4.10 -8.97 14.05
N VAL A 105 4.12 -9.84 13.03
CA VAL A 105 5.37 -10.27 12.35
C VAL A 105 6.14 -9.06 11.76
N TYR A 106 5.42 -8.14 11.14
CA TYR A 106 5.99 -6.89 10.61
C TYR A 106 6.74 -6.10 11.68
N ARG A 107 6.08 -5.88 12.82
CA ARG A 107 6.68 -5.12 13.92
C ARG A 107 7.93 -5.78 14.51
N VAL A 108 7.86 -7.09 14.71
CA VAL A 108 9.03 -7.86 15.21
C VAL A 108 10.17 -7.85 14.18
N ALA A 109 9.85 -8.18 12.92
CA ALA A 109 10.81 -8.13 11.81
C ALA A 109 11.46 -6.76 11.61
N ARG A 110 10.67 -5.69 11.72
CA ARG A 110 11.19 -4.31 11.63
C ARG A 110 12.08 -3.95 12.83
N HIS A 111 11.71 -4.41 14.03
CA HIS A 111 12.49 -4.15 15.24
C HIS A 111 13.89 -4.78 15.16
N TYR A 112 13.97 -5.98 14.57
CA TYR A 112 15.24 -6.64 14.29
C TYR A 112 16.07 -5.92 13.21
N SER A 113 15.44 -5.54 12.09
CA SER A 113 16.13 -4.81 11.01
C SER A 113 16.62 -3.41 11.41
N ARG A 114 15.90 -2.74 12.30
CA ARG A 114 16.36 -1.48 12.94
C ARG A 114 17.62 -1.62 13.79
N ALA A 115 17.82 -2.80 14.39
CA ALA A 115 19.07 -3.17 15.06
C ALA A 115 20.11 -3.87 14.15
N LYS A 116 19.87 -3.93 12.84
CA LYS A 116 20.70 -4.65 11.85
C LYS A 116 20.88 -6.15 12.13
N GLN A 117 19.87 -6.76 12.79
CA GLN A 117 19.90 -8.16 13.17
C GLN A 117 18.89 -8.95 12.38
N THR A 118 19.24 -10.20 12.08
CA THR A 118 18.31 -11.19 11.54
C THR A 118 17.54 -11.76 12.74
N LEU A 119 16.27 -12.06 12.54
CA LEU A 119 15.43 -12.73 13.54
C LEU A 119 16.02 -14.14 13.78
N PRO A 120 16.21 -14.55 15.06
CA PRO A 120 16.70 -15.91 15.31
C PRO A 120 15.83 -16.96 14.60
N VAL A 121 16.49 -17.97 14.03
CA VAL A 121 15.83 -18.92 13.09
C VAL A 121 14.74 -19.76 13.81
N ILE A 122 14.88 -19.97 15.12
CA ILE A 122 13.83 -20.62 15.93
C ILE A 122 12.47 -19.91 15.83
N TYR A 123 12.49 -18.58 15.87
CA TYR A 123 11.28 -17.77 15.66
C TYR A 123 10.76 -17.90 14.23
N VAL A 124 11.67 -17.89 13.24
CA VAL A 124 11.29 -18.09 11.83
C VAL A 124 10.59 -19.46 11.69
N LYS A 125 11.15 -20.51 12.29
CA LYS A 125 10.53 -21.85 12.29
C LYS A 125 9.15 -21.82 12.96
N LEU A 126 9.11 -21.37 14.20
CA LEU A 126 7.86 -21.26 14.97
C LEU A 126 6.75 -20.51 14.25
N TYR A 127 7.05 -19.32 13.73
CA TYR A 127 6.03 -18.47 13.09
C TYR A 127 5.55 -19.03 11.74
N MET A 128 6.51 -19.45 10.90
CA MET A 128 6.18 -20.04 9.59
C MET A 128 5.41 -21.36 9.68
N TYR A 129 5.79 -22.22 10.64
CA TYR A 129 5.07 -23.47 10.93
C TYR A 129 3.61 -23.18 11.27
N GLN A 130 3.40 -22.26 12.21
CA GLN A 130 2.04 -21.88 12.64
C GLN A 130 1.21 -21.23 11.52
N LEU A 131 1.85 -20.43 10.66
CA LEU A 131 1.22 -19.88 9.46
C LEU A 131 0.75 -20.99 8.50
N PHE A 132 1.64 -21.92 8.19
CA PHE A 132 1.29 -23.06 7.33
C PHE A 132 0.18 -23.94 7.91
N ARG A 133 0.21 -24.19 9.21
CA ARG A 133 -0.85 -24.93 9.91
C ARG A 133 -2.20 -24.22 9.77
N SER A 134 -2.22 -22.91 10.01
CA SER A 134 -3.44 -22.11 9.82
C SER A 134 -3.95 -22.16 8.38
N LEU A 135 -3.04 -22.08 7.41
CA LEU A 135 -3.40 -22.17 5.98
C LEU A 135 -4.01 -23.51 5.58
N ALA A 136 -3.41 -24.62 6.05
CA ALA A 136 -3.96 -25.98 5.86
C ALA A 136 -5.41 -26.07 6.35
N TYR A 137 -5.64 -25.58 7.56
CA TYR A 137 -6.98 -25.54 8.17
C TYR A 137 -7.97 -24.75 7.30
N ILE A 138 -7.65 -23.51 6.96
CA ILE A 138 -8.59 -22.68 6.15
C ILE A 138 -8.77 -23.20 4.72
N HIS A 139 -7.69 -23.72 4.12
CA HIS A 139 -7.76 -24.33 2.78
C HIS A 139 -8.62 -25.62 2.74
N SER A 140 -8.76 -26.31 3.88
CA SER A 140 -9.67 -27.48 4.00
C SER A 140 -11.17 -27.16 3.83
N PHE A 141 -11.57 -25.90 4.07
CA PHE A 141 -12.92 -25.39 3.77
C PHE A 141 -13.05 -24.87 2.32
N GLY A 142 -12.02 -25.04 1.48
CA GLY A 142 -11.90 -24.30 0.22
C GLY A 142 -11.72 -22.79 0.31
N ILE A 143 -11.41 -22.25 1.50
CA ILE A 143 -11.25 -20.80 1.71
C ILE A 143 -9.79 -20.45 1.43
N CYS A 144 -9.57 -19.47 0.54
CA CYS A 144 -8.27 -18.87 0.29
C CYS A 144 -8.21 -17.54 1.03
N HIS A 145 -7.10 -17.27 1.73
CA HIS A 145 -6.93 -16.03 2.54
C HIS A 145 -6.79 -14.78 1.65
N ARG A 146 -5.94 -14.88 0.63
CA ARG A 146 -5.72 -13.84 -0.42
C ARG A 146 -5.09 -12.51 0.04
N ASP A 147 -4.38 -12.54 1.16
CA ASP A 147 -3.72 -11.35 1.74
C ASP A 147 -2.75 -11.71 2.88
N ILE A 148 -1.95 -12.75 2.70
CA ILE A 148 -0.93 -13.12 3.67
C ILE A 148 0.21 -12.10 3.56
N LYS A 149 0.46 -11.41 4.66
CA LYS A 149 1.49 -10.39 4.74
C LYS A 149 1.93 -10.26 6.20
N PRO A 150 3.16 -9.74 6.45
CA PRO A 150 3.66 -9.58 7.83
C PRO A 150 2.74 -8.76 8.75
N GLN A 151 2.06 -7.76 8.19
CA GLN A 151 1.15 -6.86 8.94
C GLN A 151 -0.08 -7.57 9.54
N ASN A 152 -0.52 -8.63 8.86
N ASN A 152 -0.60 -8.62 8.91
CA ASN A 152 -1.66 -9.48 9.24
CA ASN A 152 -1.72 -9.39 9.48
C ASN A 152 -1.37 -10.71 10.09
C ASN A 152 -1.35 -10.81 9.90
N LEU A 153 -0.09 -11.01 10.33
CA LEU A 153 0.32 -12.20 11.07
C LEU A 153 0.58 -11.71 12.47
N LEU A 154 -0.29 -12.08 13.40
CA LEU A 154 -0.23 -11.59 14.79
C LEU A 154 0.60 -12.52 15.64
N LEU A 155 1.21 -11.96 16.70
CA LEU A 155 2.23 -12.63 17.52
C LEU A 155 2.07 -12.28 18.99
N ASP A 156 2.14 -13.28 19.86
CA ASP A 156 2.36 -13.05 21.28
C ASP A 156 3.88 -13.23 21.46
N PRO A 157 4.60 -12.15 21.88
CA PRO A 157 6.07 -12.27 22.06
C PRO A 157 6.53 -13.25 23.15
N ASP A 158 5.71 -13.48 24.18
CA ASP A 158 6.06 -14.35 25.31
C ASP A 158 5.85 -15.84 25.05
N THR A 159 4.71 -16.20 24.47
CA THR A 159 4.39 -17.60 24.13
C THR A 159 4.79 -18.04 22.71
N ALA A 160 5.15 -17.08 21.85
CA ALA A 160 5.39 -17.30 20.41
C ALA A 160 4.22 -17.93 19.64
N VAL A 161 2.99 -17.70 20.11
CA VAL A 161 1.77 -18.10 19.41
C VAL A 161 1.62 -17.10 18.26
N LEU A 162 1.39 -17.62 17.06
CA LEU A 162 1.08 -16.85 15.88
C LEU A 162 -0.40 -17.03 15.58
N LYS A 163 -1.05 -15.95 15.12
CA LYS A 163 -2.47 -15.99 14.74
C LYS A 163 -2.72 -15.21 13.46
N LEU A 164 -3.49 -15.84 12.57
CA LEU A 164 -4.08 -15.21 11.39
C LEU A 164 -5.29 -14.39 11.87
N CYS A 165 -5.57 -13.27 11.21
CA CYS A 165 -6.61 -12.31 11.68
C CYS A 165 -7.50 -11.54 10.66
N ASP A 166 -6.93 -11.17 9.53
CA ASP A 166 -7.59 -10.35 8.51
C ASP A 166 -8.18 -11.27 7.44
N PHE A 167 -9.50 -11.47 7.50
CA PHE A 167 -10.24 -12.22 6.49
C PHE A 167 -11.06 -11.33 5.54
N GLY A 168 -10.67 -10.04 5.42
CA GLY A 168 -11.34 -9.10 4.52
C GLY A 168 -11.13 -9.33 3.02
N SER A 169 -10.04 -10.02 2.65
CA SER A 169 -9.81 -10.47 1.27
C SER A 169 -10.18 -11.94 1.02
N ALA A 170 -10.51 -12.69 2.08
CA ALA A 170 -10.72 -14.13 1.98
C ALA A 170 -11.97 -14.49 1.18
N LYS A 171 -11.93 -15.67 0.58
CA LYS A 171 -12.99 -16.12 -0.33
C LYS A 171 -12.95 -17.64 -0.50
N GLN A 172 -14.13 -18.25 -0.51
CA GLN A 172 -14.27 -19.65 -0.93
C GLN A 172 -14.02 -19.71 -2.45
N LEU A 173 -12.94 -20.38 -2.84
CA LEU A 173 -12.61 -20.57 -4.25
C LEU A 173 -13.39 -21.77 -4.80
N VAL A 174 -14.32 -21.51 -5.71
CA VAL A 174 -15.06 -22.54 -6.45
C VAL A 174 -14.39 -22.73 -7.82
N ARG A 175 -14.08 -23.98 -8.15
CA ARG A 175 -13.49 -24.35 -9.45
C ARG A 175 -14.48 -24.03 -10.59
N GLY A 176 -14.07 -23.15 -11.52
CA GLY A 176 -14.92 -22.68 -12.63
C GLY A 176 -15.42 -21.25 -12.50
N GLU A 177 -15.69 -20.80 -11.26
CA GLU A 177 -16.06 -19.41 -10.98
C GLU A 177 -14.80 -18.53 -10.97
N PRO A 178 -14.78 -17.41 -11.75
CA PRO A 178 -13.60 -16.54 -11.77
C PRO A 178 -13.46 -15.67 -10.52
N ASN A 179 -12.22 -15.27 -10.23
CA ASN A 179 -11.87 -14.42 -9.07
C ASN A 179 -10.97 -13.27 -9.53
N VAL A 180 -11.00 -12.16 -8.81
CA VAL A 180 -10.19 -10.97 -9.17
C VAL A 180 -8.69 -11.24 -9.06
N SER A 181 -7.94 -10.77 -10.06
CA SER A 181 -6.49 -10.95 -10.11
C SER A 181 -5.73 -9.94 -9.22
N ILE A 183 -5.30 -8.78 -6.20
CA ILE A 183 -5.54 -9.17 -4.79
C ILE A 183 -4.18 -9.47 -4.15
N CYS A 184 -4.15 -9.44 -2.82
CA CYS A 184 -2.95 -9.60 -1.96
C CYS A 184 -2.15 -8.31 -1.93
N SER A 185 -1.26 -8.22 -0.95
CA SER A 185 -0.30 -7.13 -0.86
C SER A 185 0.77 -7.38 -1.94
N ARG A 186 1.10 -6.34 -2.72
CA ARG A 186 1.94 -6.43 -3.94
C ARG A 186 3.19 -7.28 -3.82
N TYR A 187 4.00 -6.99 -2.80
CA TYR A 187 5.26 -7.70 -2.55
C TYR A 187 5.10 -9.22 -2.30
N TYR A 188 3.90 -9.64 -1.89
CA TYR A 188 3.56 -11.02 -1.54
C TYR A 188 2.59 -11.64 -2.56
N ARG A 189 2.46 -11.03 -3.75
CA ARG A 189 1.44 -11.39 -4.73
C ARG A 189 2.00 -12.44 -5.67
N ALA A 190 1.27 -13.55 -5.81
CA ALA A 190 1.69 -14.65 -6.67
C ALA A 190 1.82 -14.22 -8.14
N PRO A 191 2.83 -14.75 -8.87
CA PRO A 191 3.08 -14.28 -10.25
C PRO A 191 1.90 -14.49 -11.21
N GLU A 192 1.15 -15.58 -11.02
CA GLU A 192 -0.11 -15.80 -11.76
C GLU A 192 -1.12 -14.67 -11.62
N LEU A 193 -1.18 -14.05 -10.44
CA LEU A 193 -2.01 -12.87 -10.20
C LEU A 193 -1.51 -11.62 -10.93
N ILE A 194 -0.19 -11.43 -10.99
CA ILE A 194 0.43 -10.37 -11.82
C ILE A 194 0.15 -10.63 -13.32
N PHE A 195 0.24 -11.89 -13.76
CA PHE A 195 -0.19 -12.30 -15.13
C PHE A 195 -1.70 -12.20 -15.44
N GLY A 196 -2.52 -11.85 -14.45
CA GLY A 196 -3.94 -11.58 -14.64
C GLY A 196 -4.81 -12.82 -14.58
N ALA A 197 -4.36 -13.85 -13.85
CA ALA A 197 -5.10 -15.10 -13.74
C ALA A 197 -6.35 -14.87 -12.90
N THR A 198 -7.47 -15.39 -13.42
CA THR A 198 -8.76 -15.41 -12.74
C THR A 198 -9.19 -16.80 -12.26
N ASP A 199 -8.55 -17.86 -12.78
CA ASP A 199 -8.74 -19.22 -12.35
C ASP A 199 -7.44 -19.64 -11.65
N TYR A 200 -7.29 -19.12 -10.43
CA TYR A 200 -6.19 -19.44 -9.51
C TYR A 200 -6.70 -20.19 -8.29
N THR A 201 -5.79 -20.82 -7.57
CA THR A 201 -6.09 -21.70 -6.45
C THR A 201 -5.55 -21.16 -5.14
N SER A 202 -5.82 -21.90 -4.06
CA SER A 202 -5.22 -21.70 -2.73
C SER A 202 -3.68 -21.60 -2.67
N SER A 203 -2.98 -22.10 -3.68
CA SER A 203 -1.51 -21.95 -3.78
C SER A 203 -0.97 -20.51 -3.85
N ILE A 204 -1.81 -19.52 -4.14
CA ILE A 204 -1.39 -18.10 -4.00
C ILE A 204 -0.97 -17.75 -2.55
N ASP A 205 -1.65 -18.33 -1.55
CA ASP A 205 -1.28 -18.16 -0.14
C ASP A 205 0.07 -18.75 0.22
N VAL A 206 0.43 -19.85 -0.45
CA VAL A 206 1.72 -20.51 -0.23
C VAL A 206 2.86 -19.65 -0.79
N TRP A 207 2.70 -19.11 -2.00
CA TRP A 207 3.61 -18.11 -2.54
C TRP A 207 3.82 -16.95 -1.56
N SER A 208 2.71 -16.40 -1.08
CA SER A 208 2.73 -15.30 -0.11
C SER A 208 3.49 -15.67 1.14
N ALA A 209 3.20 -16.88 1.67
CA ALA A 209 3.93 -17.43 2.82
C ALA A 209 5.44 -17.54 2.57
N GLY A 210 5.79 -18.01 1.37
CA GLY A 210 7.19 -18.08 0.93
C GLY A 210 7.91 -16.74 0.89
N CYS A 211 7.18 -15.70 0.46
CA CYS A 211 7.70 -14.32 0.51
C CYS A 211 7.94 -13.84 1.95
N VAL A 212 7.05 -14.22 2.86
CA VAL A 212 7.20 -13.89 4.29
C VAL A 212 8.42 -14.61 4.85
N LEU A 213 8.54 -15.92 4.57
CA LEU A 213 9.72 -16.71 4.98
C LEU A 213 11.02 -16.06 4.53
N ALA A 214 11.13 -15.79 3.23
CA ALA A 214 12.31 -15.15 2.63
C ALA A 214 12.67 -13.82 3.29
N GLU A 215 11.64 -13.02 3.55
CA GLU A 215 11.78 -11.73 4.23
C GLU A 215 12.36 -11.83 5.64
N LEU A 216 11.86 -12.81 6.40
CA LEU A 216 12.37 -13.10 7.73
C LEU A 216 13.85 -13.54 7.72
N LEU A 217 14.24 -14.29 6.70
CA LEU A 217 15.66 -14.71 6.51
C LEU A 217 16.54 -13.55 6.02
N LEU A 218 16.03 -12.78 5.05
CA LEU A 218 16.77 -11.67 4.42
C LEU A 218 16.84 -10.38 5.24
N GLY A 219 15.82 -10.10 6.05
CA GLY A 219 15.71 -8.82 6.79
C GLY A 219 15.00 -7.68 6.06
N GLN A 220 14.39 -7.98 4.92
CA GLN A 220 13.72 -6.99 4.05
C GLN A 220 12.89 -7.78 3.03
N PRO A 221 11.90 -7.12 2.36
CA PRO A 221 11.15 -7.85 1.35
C PRO A 221 12.01 -8.37 0.19
N ILE A 222 11.75 -9.61 -0.22
CA ILE A 222 12.49 -10.26 -1.32
C ILE A 222 12.14 -9.65 -2.69
N PHE A 223 10.86 -9.30 -2.91
CA PHE A 223 10.39 -8.73 -4.17
C PHE A 223 9.72 -7.34 -4.01
N PRO A 224 10.52 -6.28 -3.73
CA PRO A 224 10.00 -4.92 -3.51
C PRO A 224 9.76 -4.12 -4.81
N GLY A 225 8.74 -4.52 -5.56
CA GLY A 225 8.47 -3.93 -6.88
C GLY A 225 7.56 -2.72 -6.87
N ASP A 226 7.61 -2.01 -8.01
CA ASP A 226 6.67 -0.93 -8.34
C ASP A 226 5.40 -1.61 -8.91
N SER A 227 4.37 -0.82 -9.20
CA SER A 227 3.13 -1.34 -9.79
C SER A 227 3.28 -1.84 -11.24
N GLY A 228 2.25 -2.53 -11.69
CA GLY A 228 2.17 -3.06 -13.05
C GLY A 228 3.11 -4.23 -13.26
N VAL A 229 3.87 -4.18 -14.36
CA VAL A 229 4.79 -5.27 -14.77
C VAL A 229 6.07 -5.33 -13.91
N ASP A 230 6.42 -4.24 -13.22
CA ASP A 230 7.67 -4.18 -12.45
C ASP A 230 7.81 -5.17 -11.27
N GLN A 231 6.69 -5.60 -10.69
CA GLN A 231 6.70 -6.65 -9.65
C GLN A 231 7.18 -8.01 -10.23
N LEU A 232 6.75 -8.32 -11.45
CA LEU A 232 7.24 -9.49 -12.19
C LEU A 232 8.74 -9.38 -12.53
N VAL A 233 9.21 -8.17 -12.84
CA VAL A 233 10.66 -7.90 -13.03
C VAL A 233 11.46 -8.22 -11.76
N GLU A 234 10.94 -7.84 -10.58
CA GLU A 234 11.59 -8.18 -9.30
C GLU A 234 11.66 -9.69 -9.02
N ILE A 235 10.60 -10.41 -9.39
CA ILE A 235 10.55 -11.88 -9.28
C ILE A 235 11.55 -12.53 -10.24
N ILE A 236 11.55 -12.08 -11.50
CA ILE A 236 12.47 -12.57 -12.56
C ILE A 236 13.95 -12.46 -12.16
N LYS A 237 14.33 -11.36 -11.49
CA LYS A 237 15.71 -11.17 -10.97
C LYS A 237 16.26 -12.28 -10.06
N VAL A 238 15.37 -12.98 -9.35
CA VAL A 238 15.72 -14.13 -8.51
C VAL A 238 15.43 -15.43 -9.26
N LEU A 239 14.17 -15.62 -9.63
CA LEU A 239 13.69 -16.88 -10.24
C LEU A 239 14.13 -17.11 -11.70
N GLY A 240 14.64 -16.08 -12.38
CA GLY A 240 14.85 -16.13 -13.83
C GLY A 240 13.54 -15.95 -14.56
N THR A 241 13.62 -15.81 -15.88
CA THR A 241 12.43 -15.66 -16.73
C THR A 241 11.61 -16.95 -16.74
N PRO A 242 10.26 -16.84 -16.61
CA PRO A 242 9.44 -18.06 -16.70
C PRO A 242 9.36 -18.59 -18.12
N THR A 243 9.34 -19.90 -18.27
CA THR A 243 9.17 -20.55 -19.58
C THR A 243 7.73 -20.42 -20.08
N ARG A 244 7.52 -20.76 -21.35
CA ARG A 244 6.19 -20.76 -21.98
C ARG A 244 5.19 -21.69 -21.27
N GLU A 245 5.68 -22.86 -20.84
CA GLU A 245 4.89 -23.83 -20.05
C GLU A 245 4.53 -23.32 -18.64
N GLN A 246 5.48 -22.64 -17.99
CA GLN A 246 5.25 -22.01 -16.68
C GLN A 246 4.18 -20.90 -16.75
N ILE A 247 4.25 -20.07 -17.79
CA ILE A 247 3.23 -19.03 -18.05
C ILE A 247 1.85 -19.63 -18.31
N ARG A 248 1.82 -20.70 -19.11
CA ARG A 248 0.58 -21.45 -19.42
C ARG A 248 -0.09 -22.01 -18.16
N GLU A 249 0.70 -22.60 -17.27
CA GLU A 249 0.22 -23.10 -15.97
C GLU A 249 -0.27 -21.97 -15.04
N MET A 250 0.41 -20.81 -15.09
CA MET A 250 0.01 -19.61 -14.30
C MET A 250 -1.27 -18.98 -14.82
N ASN A 251 -1.28 -18.67 -16.11
CA ASN A 251 -2.46 -18.15 -16.81
C ASN A 251 -2.53 -18.79 -18.20
N PRO A 252 -3.45 -19.77 -18.41
CA PRO A 252 -3.56 -20.39 -19.75
C PRO A 252 -4.13 -19.45 -20.83
N ASN A 253 -4.89 -18.42 -20.42
CA ASN A 253 -5.30 -17.30 -21.26
C ASN A 253 -6.39 -17.71 -22.25
N PHE A 259 9.80 -11.81 -24.74
CA PHE A 259 9.82 -11.57 -23.30
C PHE A 259 11.27 -11.42 -22.77
N PRO A 260 11.51 -10.49 -21.79
CA PRO A 260 12.89 -10.28 -21.27
C PRO A 260 13.56 -11.54 -20.65
N GLN A 261 14.57 -12.08 -21.35
CA GLN A 261 15.21 -13.36 -21.00
C GLN A 261 16.40 -13.18 -20.05
N ILE A 262 16.29 -13.72 -18.82
CA ILE A 262 17.28 -13.59 -17.73
C ILE A 262 17.46 -14.97 -17.04
N LYS A 263 18.69 -15.28 -16.65
CA LYS A 263 19.01 -16.53 -15.94
C LYS A 263 18.65 -16.43 -14.46
N ALA A 264 18.23 -17.55 -13.87
CA ALA A 264 17.88 -17.62 -12.44
C ALA A 264 19.10 -17.38 -11.55
N HIS A 265 18.94 -16.53 -10.53
CA HIS A 265 20.00 -16.29 -9.54
C HIS A 265 20.03 -17.50 -8.58
N PRO A 266 21.23 -18.08 -8.29
CA PRO A 266 21.29 -19.26 -7.38
C PRO A 266 20.75 -18.99 -5.97
N TRP A 267 19.83 -19.85 -5.50
CA TRP A 267 19.13 -19.67 -4.20
C TRP A 267 20.05 -19.41 -2.99
N THR A 268 21.24 -20.02 -2.98
CA THR A 268 22.27 -19.79 -1.96
C THR A 268 22.84 -18.36 -1.99
N LYS A 269 23.04 -17.83 -3.20
CA LYS A 269 23.50 -16.43 -3.37
C LYS A 269 22.44 -15.37 -3.03
N VAL A 270 21.15 -15.73 -3.09
CA VAL A 270 20.03 -14.83 -2.72
C VAL A 270 20.11 -14.51 -1.23
N PHE A 271 20.19 -15.56 -0.41
CA PHE A 271 20.24 -15.44 1.05
C PHE A 271 21.65 -15.21 1.58
N ARG A 272 21.71 -14.80 2.85
CA ARG A 272 22.96 -14.44 3.53
C ARG A 272 23.93 -15.64 3.67
N PRO A 273 25.22 -15.36 4.00
CA PRO A 273 26.11 -16.42 4.47
C PRO A 273 25.53 -17.12 5.71
N ARG A 274 25.56 -18.44 5.70
CA ARG A 274 25.12 -19.27 6.83
C ARG A 274 23.60 -19.26 7.11
N THR A 275 22.78 -18.91 6.11
CA THR A 275 21.33 -19.12 6.17
C THR A 275 21.14 -20.64 6.06
N PRO A 276 20.42 -21.28 7.02
CA PRO A 276 20.23 -22.75 7.01
C PRO A 276 19.75 -23.33 5.66
N PRO A 277 20.48 -24.34 5.09
CA PRO A 277 20.08 -24.99 3.81
C PRO A 277 18.64 -25.51 3.70
N GLU A 278 18.08 -25.96 4.82
CA GLU A 278 16.69 -26.41 4.85
C GLU A 278 15.69 -25.24 4.74
N ALA A 279 16.04 -24.06 5.28
CA ALA A 279 15.28 -22.81 5.06
C ALA A 279 15.23 -22.42 3.58
N ILE A 280 16.40 -22.48 2.94
CA ILE A 280 16.57 -22.18 1.51
C ILE A 280 15.84 -23.21 0.65
N ALA A 281 16.00 -24.49 0.99
CA ALA A 281 15.30 -25.61 0.33
C ALA A 281 13.78 -25.48 0.38
N LEU A 282 13.25 -25.19 1.57
CA LEU A 282 11.81 -24.91 1.77
C LEU A 282 11.36 -23.76 0.87
N CYS A 283 12.09 -22.65 0.94
CA CYS A 283 11.81 -21.43 0.17
C CYS A 283 11.74 -21.67 -1.34
N SER A 284 12.69 -22.45 -1.88
CA SER A 284 12.70 -22.84 -3.30
C SER A 284 11.49 -23.67 -3.75
N ARG A 285 10.89 -24.43 -2.83
CA ARG A 285 9.66 -25.23 -3.07
C ARG A 285 8.34 -24.48 -2.78
N LEU A 286 8.42 -23.25 -2.27
CA LEU A 286 7.27 -22.34 -2.14
C LEU A 286 7.25 -21.30 -3.26
N LEU A 287 8.41 -20.70 -3.55
CA LEU A 287 8.53 -19.66 -4.59
C LEU A 287 8.82 -20.28 -5.96
N GLU A 288 7.79 -20.97 -6.45
CA GLU A 288 7.79 -21.69 -7.73
C GLU A 288 6.76 -20.96 -8.60
N TYR A 289 7.12 -20.74 -9.88
CA TYR A 289 6.21 -20.19 -10.88
C TYR A 289 4.95 -21.02 -11.08
N THR A 290 5.15 -22.32 -11.31
CA THR A 290 4.04 -23.26 -11.54
C THR A 290 3.27 -23.41 -10.21
N PRO A 291 1.98 -23.01 -10.16
CA PRO A 291 1.26 -23.08 -8.87
C PRO A 291 1.06 -24.49 -8.28
N THR A 292 0.85 -25.48 -9.14
CA THR A 292 0.80 -26.90 -8.75
C THR A 292 2.13 -27.47 -8.24
N ALA A 293 3.27 -26.88 -8.66
CA ALA A 293 4.60 -27.27 -8.15
C ALA A 293 4.89 -26.89 -6.70
N ARG A 294 4.13 -25.94 -6.14
CA ARG A 294 4.35 -25.47 -4.77
C ARG A 294 3.90 -26.50 -3.75
N LEU A 295 4.56 -26.50 -2.59
CA LEU A 295 4.14 -27.34 -1.46
C LEU A 295 2.75 -26.92 -1.00
N THR A 296 1.98 -27.88 -0.49
CA THR A 296 0.75 -27.56 0.22
C THR A 296 1.18 -27.06 1.60
N PRO A 297 0.29 -26.32 2.30
CA PRO A 297 0.61 -25.91 3.67
C PRO A 297 0.96 -27.06 4.63
N LEU A 298 0.26 -28.19 4.51
CA LEU A 298 0.51 -29.36 5.38
C LEU A 298 1.84 -30.06 5.02
N GLU A 299 2.15 -30.17 3.72
CA GLU A 299 3.50 -30.58 3.25
C GLU A 299 4.60 -29.66 3.79
N ALA A 300 4.35 -28.35 3.75
CA ALA A 300 5.29 -27.35 4.28
C ALA A 300 5.55 -27.56 5.76
N CYS A 301 4.49 -27.71 6.56
CA CYS A 301 4.63 -28.07 8.01
C CYS A 301 5.50 -29.31 8.28
N ALA A 302 5.39 -30.31 7.40
CA ALA A 302 6.20 -31.55 7.47
C ALA A 302 7.65 -31.45 6.93
N HIS A 303 8.02 -30.30 6.35
CA HIS A 303 9.38 -30.05 5.81
C HIS A 303 10.46 -30.07 6.92
N SER A 304 11.69 -30.43 6.55
CA SER A 304 12.78 -30.68 7.51
C SER A 304 13.30 -29.44 8.29
N PHE A 305 13.26 -28.27 7.65
CA PHE A 305 13.35 -26.95 8.33
C PHE A 305 12.61 -26.84 9.67
N PHE A 306 11.44 -27.46 9.77
CA PHE A 306 10.65 -27.51 11.02
C PHE A 306 10.94 -28.71 11.96
N ASP A 307 11.98 -29.52 11.70
CA ASP A 307 12.26 -30.72 12.53
C ASP A 307 12.62 -30.39 13.96
N GLU A 308 13.40 -29.31 14.14
CA GLU A 308 13.71 -28.75 15.48
C GLU A 308 12.48 -28.53 16.36
N LEU A 309 11.37 -28.11 15.75
CA LEU A 309 10.09 -27.95 16.47
C LEU A 309 9.55 -29.29 17.00
N ARG A 310 9.76 -30.37 16.25
CA ARG A 310 9.38 -31.74 16.66
C ARG A 310 10.34 -32.46 17.64
N ASP A 311 11.50 -31.86 17.93
CA ASP A 311 12.43 -32.34 18.96
C ASP A 311 11.72 -32.14 20.33
N PRO A 312 11.66 -33.19 21.19
CA PRO A 312 11.07 -33.03 22.55
C PRO A 312 11.81 -32.09 23.51
N ASN A 313 13.08 -31.79 23.25
CA ASN A 313 13.90 -30.88 24.08
C ASN A 313 13.94 -29.43 23.59
N VAL A 314 13.13 -29.08 22.59
CA VAL A 314 13.08 -27.72 22.02
C VAL A 314 12.38 -26.77 23.00
N LYS A 315 12.92 -25.56 23.10
CA LYS A 315 12.40 -24.50 23.96
C LYS A 315 12.39 -23.17 23.21
N LEU A 316 11.60 -22.23 23.70
CA LEU A 316 11.68 -20.84 23.25
C LEU A 316 12.95 -20.20 23.82
N PRO A 317 13.51 -19.15 23.16
CA PRO A 317 14.64 -18.40 23.75
C PRO A 317 14.46 -17.88 25.18
N ASN A 318 13.23 -17.53 25.55
CA ASN A 318 12.91 -17.13 26.94
C ASN A 318 12.87 -18.26 28.00
N GLY A 319 13.03 -19.52 27.57
CA GLY A 319 13.06 -20.68 28.46
C GLY A 319 11.74 -21.41 28.59
N ARG A 320 10.63 -20.79 28.12
CA ARG A 320 9.32 -21.45 28.15
C ARG A 320 9.24 -22.57 27.12
N ASP A 321 8.23 -23.42 27.32
CA ASP A 321 7.85 -24.43 26.33
C ASP A 321 7.28 -23.73 25.10
N THR A 322 7.47 -24.37 23.95
CA THR A 322 6.83 -23.96 22.70
C THR A 322 5.32 -24.07 22.82
N PRO A 323 4.55 -23.32 21.99
CA PRO A 323 3.09 -23.49 22.01
C PRO A 323 2.63 -24.84 21.42
N ALA A 324 1.32 -25.07 21.43
CA ALA A 324 0.73 -26.32 20.94
C ALA A 324 0.86 -26.43 19.41
N LEU A 325 1.84 -27.23 18.97
CA LEU A 325 2.15 -27.42 17.54
C LEU A 325 1.64 -28.74 16.92
N PHE A 326 1.43 -29.78 17.74
CA PHE A 326 1.13 -31.16 17.28
C PHE A 326 -0.28 -31.67 17.55
N ASN A 327 -1.12 -30.89 18.24
CA ASN A 327 -2.51 -31.28 18.55
C ASN A 327 -3.43 -31.15 17.34
N PHE A 328 -3.13 -31.92 16.29
CA PHE A 328 -3.84 -31.84 15.00
C PHE A 328 -5.15 -32.58 15.14
N THR A 329 -6.24 -31.91 14.77
CA THR A 329 -7.57 -32.51 14.81
C THR A 329 -7.80 -33.39 13.58
N THR A 330 -8.88 -34.17 13.63
CA THR A 330 -9.37 -34.97 12.48
C THR A 330 -9.55 -34.12 11.21
N GLN A 331 -10.16 -32.95 11.36
CA GLN A 331 -10.36 -31.98 10.25
C GLN A 331 -9.05 -31.48 9.63
N GLU A 332 -8.05 -31.19 10.45
CA GLU A 332 -6.72 -30.74 9.95
C GLU A 332 -6.01 -31.86 9.18
N LEU A 333 -5.99 -33.07 9.77
CA LEU A 333 -5.33 -34.22 9.17
C LEU A 333 -5.99 -34.75 7.89
N SER A 334 -7.30 -34.51 7.70
CA SER A 334 -8.07 -35.05 6.57
C SER A 334 -7.59 -34.66 5.15
N SER A 335 -6.95 -33.50 5.00
CA SER A 335 -6.43 -33.07 3.68
C SER A 335 -5.21 -33.88 3.18
N ASN A 336 -4.43 -34.43 4.10
CA ASN A 336 -3.33 -35.38 3.77
C ASN A 336 -3.00 -36.24 5.02
N PRO A 337 -3.85 -37.26 5.32
CA PRO A 337 -3.65 -38.05 6.56
C PRO A 337 -2.29 -38.75 6.74
N PRO A 338 -1.67 -39.30 5.65
CA PRO A 338 -0.30 -39.86 5.74
C PRO A 338 0.78 -39.00 6.44
N LEU A 339 0.73 -37.68 6.27
CA LEU A 339 1.70 -36.75 6.90
C LEU A 339 1.63 -36.67 8.43
N ALA A 340 0.53 -37.14 9.05
CA ALA A 340 0.42 -37.32 10.53
C ALA A 340 1.61 -38.00 11.23
N THR A 341 2.26 -38.94 10.55
CA THR A 341 3.47 -39.62 11.05
C THR A 341 4.58 -38.64 11.36
N ILE A 342 4.89 -37.79 10.38
CA ILE A 342 5.89 -36.72 10.52
C ILE A 342 5.36 -35.66 11.49
N LEU A 343 4.15 -35.18 11.23
CA LEU A 343 3.58 -34.00 11.92
C LEU A 343 3.33 -34.17 13.43
N ILE A 344 2.84 -35.35 13.83
CA ILE A 344 2.72 -35.72 15.24
C ILE A 344 3.93 -36.63 15.53
N PRO A 345 4.99 -36.10 16.19
CA PRO A 345 6.17 -36.93 16.44
C PRO A 345 5.92 -37.93 17.59
N PRO A 346 6.76 -38.99 17.70
CA PRO A 346 6.55 -40.11 18.67
C PRO A 346 6.20 -39.70 20.11
N HIS A 347 6.96 -38.73 20.64
CA HIS A 347 6.72 -38.19 22.00
C HIS A 347 5.36 -37.50 22.23
N ALA A 348 4.81 -36.88 21.18
CA ALA A 348 3.47 -36.26 21.23
C ALA A 348 2.28 -37.23 21.07
N ARG A 349 2.54 -38.47 20.65
CA ARG A 349 1.51 -39.51 20.53
C ARG A 349 1.18 -40.11 21.89
N SER B 1 -0.45 -7.05 -32.37
CA SER B 1 -0.91 -5.95 -33.30
C SER B 1 -2.46 -5.79 -33.41
N LYS B 2 -3.18 -6.08 -32.32
CA LYS B 2 -4.65 -6.06 -32.31
C LYS B 2 -5.14 -4.61 -32.30
N VAL B 3 -6.06 -4.31 -33.21
CA VAL B 3 -6.55 -2.95 -33.44
C VAL B 3 -7.91 -2.85 -32.77
N THR B 4 -7.92 -2.19 -31.61
CA THR B 4 -9.15 -1.86 -30.88
C THR B 4 -9.67 -0.55 -31.46
N THR B 5 -10.90 -0.59 -32.00
CA THR B 5 -11.64 0.61 -32.41
C THR B 5 -12.82 0.79 -31.46
N VAL B 6 -13.02 2.02 -31.00
CA VAL B 6 -14.12 2.39 -30.10
C VAL B 6 -14.67 3.78 -30.46
N VAL B 7 -15.90 4.03 -30.08
CA VAL B 7 -16.50 5.36 -30.16
C VAL B 7 -16.18 6.06 -28.83
N ALA B 8 -15.57 7.24 -28.92
CA ALA B 8 -15.05 7.98 -27.76
C ALA B 8 -15.39 9.46 -27.85
N THR B 9 -15.62 10.07 -26.67
CA THR B 9 -16.00 11.47 -26.53
C THR B 9 -14.71 12.26 -26.23
N PRO B 10 -14.45 13.37 -26.96
CA PRO B 10 -13.31 14.23 -26.60
C PRO B 10 -13.46 14.86 -25.21
N GLY B 11 -12.33 15.02 -24.51
CA GLY B 11 -12.29 15.59 -23.16
C GLY B 11 -12.66 17.06 -23.13
N GLN B 12 -12.09 17.83 -24.07
CA GLN B 12 -12.35 19.27 -24.24
C GLN B 12 -13.05 19.54 -25.59
N GLY B 13 -13.55 20.76 -25.74
CA GLY B 13 -14.31 21.18 -26.92
C GLY B 13 -15.80 20.89 -26.76
N PRO B 14 -16.53 20.89 -27.89
CA PRO B 14 -17.94 20.48 -27.93
C PRO B 14 -18.10 18.96 -27.76
N ASP B 15 -19.24 18.54 -27.22
CA ASP B 15 -19.55 17.10 -27.04
C ASP B 15 -19.83 16.44 -28.40
N ARG B 16 -18.74 16.05 -29.07
CA ARG B 16 -18.75 15.58 -30.46
C ARG B 16 -18.03 14.21 -30.58
N PRO B 17 -18.73 13.09 -30.27
CA PRO B 17 -18.07 11.76 -30.29
C PRO B 17 -17.61 11.28 -31.67
N GLN B 18 -16.65 10.36 -31.66
CA GLN B 18 -15.97 9.90 -32.88
C GLN B 18 -15.26 8.56 -32.68
N GLU B 19 -14.98 7.90 -33.80
CA GLU B 19 -14.22 6.64 -33.80
C GLU B 19 -12.76 6.95 -33.47
N VAL B 20 -12.22 6.22 -32.49
CA VAL B 20 -10.79 6.26 -32.16
C VAL B 20 -10.27 4.84 -32.31
N SER B 21 -9.13 4.69 -33.01
CA SER B 21 -8.46 3.40 -33.19
C SER B 21 -7.08 3.40 -32.49
N TYR B 22 -6.81 2.33 -31.73
CA TYR B 22 -5.50 2.14 -31.08
C TYR B 22 -5.05 0.68 -31.08
N THR B 23 -3.74 0.50 -30.92
CA THR B 23 -3.07 -0.81 -30.92
C THR B 23 -1.84 -0.76 -29.99
N ASP B 24 -1.08 -1.86 -29.97
CA ASP B 24 0.16 -2.00 -29.17
C ASP B 24 -0.06 -1.67 -27.68
N THR B 25 -1.09 -2.28 -27.11
CA THR B 25 -1.45 -2.08 -25.71
C THR B 25 -0.51 -2.88 -24.83
N LYS B 26 0.04 -2.22 -23.81
CA LYS B 26 0.78 -2.90 -22.73
C LYS B 26 0.56 -2.20 -21.40
N VAL B 27 0.65 -2.97 -20.31
CA VAL B 27 0.40 -2.48 -18.96
C VAL B 27 1.62 -1.67 -18.52
N ILE B 28 1.37 -0.44 -18.06
CA ILE B 28 2.41 0.45 -17.49
C ILE B 28 2.22 0.82 -16.01
N GLY B 29 1.14 0.33 -15.40
CA GLY B 29 0.79 0.68 -14.03
C GLY B 29 -0.56 0.10 -13.66
N ASN B 30 -0.77 -0.12 -12.37
CA ASN B 30 -2.09 -0.49 -11.86
C ASN B 30 -2.23 -0.11 -10.37
N GLY B 31 -3.45 -0.26 -9.87
CA GLY B 31 -3.80 0.05 -8.49
C GLY B 31 -5.17 -0.51 -8.15
N SER B 32 -5.68 -0.14 -6.97
CA SER B 32 -7.09 -0.41 -6.57
C SER B 32 -8.12 0.04 -7.61
N PHE B 33 -7.94 1.25 -8.14
CA PHE B 33 -8.74 1.82 -9.24
C PHE B 33 -8.91 0.93 -10.47
N GLY B 34 -7.84 0.21 -10.83
CA GLY B 34 -7.79 -0.63 -12.02
C GLY B 34 -6.39 -0.59 -12.64
N VAL B 35 -6.33 -0.41 -13.96
CA VAL B 35 -5.10 -0.58 -14.76
C VAL B 35 -4.84 0.66 -15.62
N VAL B 36 -3.56 0.99 -15.82
CA VAL B 36 -3.11 1.96 -16.82
C VAL B 36 -2.33 1.19 -17.90
N TYR B 37 -2.71 1.43 -19.16
CA TYR B 37 -2.03 0.89 -20.34
C TYR B 37 -1.31 2.00 -21.12
N GLN B 38 -0.25 1.63 -21.82
CA GLN B 38 0.28 2.44 -22.92
C GLN B 38 -0.39 1.90 -24.18
N ALA B 39 -0.76 2.80 -25.09
CA ALA B 39 -1.21 2.44 -26.44
C ALA B 39 -0.65 3.41 -27.47
N LYS B 40 -0.74 3.00 -28.73
CA LYS B 40 -0.34 3.81 -29.90
C LYS B 40 -1.58 4.08 -30.73
N LEU B 41 -1.89 5.36 -30.97
CA LEU B 41 -3.03 5.75 -31.83
C LEU B 41 -2.71 5.41 -33.29
N CYS B 42 -3.64 4.73 -33.96
CA CYS B 42 -3.47 4.34 -35.38
C CYS B 42 -3.47 5.55 -36.35
N ASP B 43 -4.27 6.57 -36.03
CA ASP B 43 -4.33 7.83 -36.79
C ASP B 43 -2.96 8.54 -36.92
N SER B 44 -2.43 9.06 -35.80
CA SER B 44 -1.18 9.85 -35.79
C SER B 44 0.11 9.08 -35.42
N GLY B 45 0.01 7.80 -35.02
CA GLY B 45 1.15 7.03 -34.50
C GLY B 45 1.65 7.41 -33.10
N GLU B 46 0.92 8.27 -32.40
CA GLU B 46 1.37 8.90 -31.14
C GLU B 46 1.07 7.99 -29.95
N LEU B 47 1.98 7.95 -28.99
CA LEU B 47 1.78 7.18 -27.76
C LEU B 47 0.78 7.89 -26.84
N VAL B 48 -0.17 7.13 -26.31
CA VAL B 48 -1.13 7.60 -25.30
C VAL B 48 -1.16 6.64 -24.12
N ALA B 49 -1.72 7.10 -23.01
CA ALA B 49 -2.03 6.26 -21.86
C ALA B 49 -3.54 6.02 -21.85
N ILE B 50 -3.98 4.84 -21.39
CA ILE B 50 -5.41 4.54 -21.18
C ILE B 50 -5.58 4.03 -19.74
N LYS B 51 -6.22 4.83 -18.90
CA LYS B 51 -6.54 4.45 -17.51
C LYS B 51 -7.92 3.79 -17.51
N LYS B 52 -7.98 2.55 -17.05
CA LYS B 52 -9.17 1.71 -17.08
C LYS B 52 -9.67 1.55 -15.65
N VAL B 53 -10.77 2.22 -15.33
CA VAL B 53 -11.31 2.37 -13.98
C VAL B 53 -12.61 1.55 -13.88
N LEU B 54 -12.64 0.58 -12.96
CA LEU B 54 -13.84 -0.20 -12.64
C LEU B 54 -14.91 0.69 -12.00
N GLN B 55 -16.17 0.45 -12.38
CA GLN B 55 -17.32 1.29 -11.98
C GLN B 55 -18.10 0.58 -10.88
N ASP B 56 -18.17 1.20 -9.69
CA ASP B 56 -18.74 0.56 -8.49
C ASP B 56 -20.26 0.57 -8.52
N ASN B 61 -17.08 9.04 -11.75
CA ASN B 61 -17.36 10.24 -12.55
C ASN B 61 -16.87 11.58 -11.96
N ARG B 62 -16.39 11.59 -10.71
CA ARG B 62 -15.70 12.77 -10.14
C ARG B 62 -14.39 13.08 -10.87
N GLU B 63 -13.57 12.05 -11.02
CA GLU B 63 -12.28 12.12 -11.75
C GLU B 63 -12.43 12.66 -13.17
N LEU B 64 -13.36 12.08 -13.92
CA LEU B 64 -13.65 12.46 -15.30
C LEU B 64 -13.99 13.94 -15.42
N GLN B 65 -15.00 14.38 -14.66
CA GLN B 65 -15.46 15.78 -14.69
C GLN B 65 -14.42 16.80 -14.24
N ILE B 66 -13.54 16.43 -13.29
CA ILE B 66 -12.40 17.28 -12.91
C ILE B 66 -11.43 17.41 -14.09
N MET B 67 -10.96 16.26 -14.59
CA MET B 67 -9.94 16.21 -15.66
C MET B 67 -10.32 16.83 -16.99
N ARG B 68 -11.61 16.72 -17.36
CA ARG B 68 -12.17 17.45 -18.52
C ARG B 68 -11.88 18.96 -18.51
N LYS B 69 -12.06 19.57 -17.34
CA LYS B 69 -11.87 21.01 -17.13
C LYS B 69 -10.40 21.47 -17.21
N LEU B 70 -9.47 20.62 -16.75
CA LEU B 70 -8.08 21.03 -16.52
C LEU B 70 -7.27 21.13 -17.82
N ASP B 71 -6.56 22.24 -17.96
CA ASP B 71 -5.65 22.51 -19.09
C ASP B 71 -4.41 23.24 -18.54
N HIS B 72 -3.31 22.52 -18.43
CA HIS B 72 -2.09 23.03 -17.80
C HIS B 72 -0.86 22.23 -18.28
N CYS B 73 0.26 22.93 -18.47
CA CYS B 73 1.52 22.34 -18.98
C CYS B 73 2.11 21.22 -18.10
N ASN B 74 1.88 21.32 -16.79
CA ASN B 74 2.23 20.26 -15.80
C ASN B 74 1.07 19.33 -15.35
N ILE B 75 0.08 19.11 -16.21
CA ILE B 75 -0.99 18.12 -15.98
C ILE B 75 -1.25 17.42 -17.32
N VAL B 76 -1.30 16.09 -17.31
CA VAL B 76 -1.64 15.33 -18.54
C VAL B 76 -3.05 15.66 -19.00
N ARG B 77 -3.21 15.84 -20.31
CA ARG B 77 -4.49 16.23 -20.90
C ARG B 77 -5.37 14.98 -21.01
N LEU B 78 -6.66 15.15 -20.70
CA LEU B 78 -7.67 14.15 -21.04
C LEU B 78 -8.03 14.26 -22.54
N ARG B 79 -7.59 13.26 -23.32
CA ARG B 79 -7.80 13.24 -24.79
C ARG B 79 -9.25 12.85 -25.10
N TYR B 80 -9.62 11.65 -24.63
CA TYR B 80 -10.92 11.03 -24.91
C TYR B 80 -11.41 10.26 -23.69
N PHE B 81 -12.69 9.88 -23.73
CA PHE B 81 -13.23 8.89 -22.78
C PHE B 81 -14.34 8.03 -23.37
N PHE B 82 -14.43 6.80 -22.87
CA PHE B 82 -15.44 5.83 -23.31
C PHE B 82 -15.58 4.71 -22.29
N TYR B 83 -16.74 4.04 -22.31
CA TYR B 83 -16.97 2.84 -21.51
C TYR B 83 -16.65 1.58 -22.31
N SER B 84 -16.30 0.50 -21.61
CA SER B 84 -15.96 -0.79 -22.24
C SER B 84 -16.12 -2.00 -21.31
N SER B 85 -16.00 -3.18 -21.94
CA SER B 85 -15.78 -4.53 -21.34
C SER B 85 -16.41 -4.83 -19.98
N GLU B 87 -11.70 -6.95 -17.19
CA GLU B 87 -11.29 -8.25 -16.67
C GLU B 87 -12.51 -9.15 -16.35
N LYS B 88 -13.44 -8.63 -15.55
CA LYS B 88 -14.71 -9.29 -15.24
C LYS B 88 -15.73 -9.06 -16.37
N LYS B 89 -16.41 -10.13 -16.81
CA LYS B 89 -17.50 -10.03 -17.82
C LYS B 89 -18.79 -9.39 -17.27
N ASP B 90 -19.07 -9.59 -15.98
CA ASP B 90 -20.17 -8.91 -15.29
C ASP B 90 -19.96 -7.40 -15.04
N GLU B 91 -18.73 -6.89 -15.18
CA GLU B 91 -18.36 -5.50 -14.86
C GLU B 91 -18.15 -4.60 -16.09
N VAL B 92 -18.11 -3.30 -15.84
CA VAL B 92 -17.96 -2.23 -16.85
C VAL B 92 -16.86 -1.25 -16.38
N TYR B 93 -16.08 -0.75 -17.35
CA TYR B 93 -14.91 0.08 -17.08
C TYR B 93 -15.05 1.42 -17.77
N LEU B 94 -14.70 2.50 -17.06
CA LEU B 94 -14.47 3.83 -17.67
C LEU B 94 -13.01 3.92 -18.11
N ASN B 95 -12.80 4.26 -19.38
CA ASN B 95 -11.47 4.33 -19.99
C ASN B 95 -11.17 5.79 -20.22
N LEU B 96 -10.07 6.28 -19.65
CA LEU B 96 -9.62 7.67 -19.83
C LEU B 96 -8.37 7.63 -20.68
N VAL B 97 -8.46 8.16 -21.90
CA VAL B 97 -7.33 8.24 -22.84
C VAL B 97 -6.62 9.55 -22.55
N LEU B 98 -5.33 9.43 -22.20
CA LEU B 98 -4.52 10.53 -21.69
C LEU B 98 -3.22 10.62 -22.48
N ASP B 99 -2.52 11.76 -22.36
CA ASP B 99 -1.15 11.90 -22.87
C ASP B 99 -0.25 10.89 -22.18
N TYR B 100 0.69 10.31 -22.92
CA TYR B 100 1.70 9.40 -22.39
C TYR B 100 2.91 10.22 -21.92
N VAL B 101 3.50 9.81 -20.78
CA VAL B 101 4.75 10.38 -20.26
C VAL B 101 5.65 9.20 -19.85
N PRO B 102 6.95 9.21 -20.26
CA PRO B 102 7.76 7.97 -20.14
C PRO B 102 8.39 7.55 -18.79
N GLU B 103 8.43 8.43 -17.79
CA GLU B 103 9.05 8.09 -16.49
C GLU B 103 8.23 8.61 -15.32
N THR B 104 8.58 8.13 -14.12
CA THR B 104 8.01 8.63 -12.87
C THR B 104 9.12 9.09 -11.93
N VAL B 105 8.75 10.00 -11.02
CA VAL B 105 9.62 10.44 -9.92
C VAL B 105 10.04 9.24 -9.05
N TYR B 106 9.11 8.30 -8.78
CA TYR B 106 9.44 7.08 -8.05
C TYR B 106 10.59 6.30 -8.71
N ARG B 107 10.43 5.98 -9.98
CA ARG B 107 11.44 5.23 -10.76
C ARG B 107 12.81 5.91 -10.86
N VAL B 108 12.82 7.24 -11.05
CA VAL B 108 14.06 8.03 -11.05
C VAL B 108 14.72 7.96 -9.66
N ALA B 109 13.95 8.26 -8.61
CA ALA B 109 14.46 8.21 -7.23
C ALA B 109 14.99 6.82 -6.84
N ARG B 110 14.28 5.77 -7.27
CA ARG B 110 14.71 4.38 -7.05
C ARG B 110 16.01 3.99 -7.76
N HIS B 111 16.19 4.47 -8.98
CA HIS B 111 17.45 4.30 -9.73
C HIS B 111 18.64 4.83 -8.91
N TYR B 112 18.46 6.01 -8.32
CA TYR B 112 19.46 6.66 -7.46
C TYR B 112 19.69 5.96 -6.12
N SER B 113 18.61 5.63 -5.41
CA SER B 113 18.72 5.03 -4.07
C SER B 113 19.30 3.60 -4.10
N ARG B 114 18.94 2.82 -5.13
CA ARG B 114 19.50 1.47 -5.32
C ARG B 114 21.01 1.46 -5.65
N ALA B 115 21.51 2.50 -6.31
CA ALA B 115 22.95 2.76 -6.47
C ALA B 115 23.65 3.45 -5.27
N LYS B 116 22.92 3.69 -4.17
CA LYS B 116 23.38 4.41 -2.98
C LYS B 116 23.92 5.82 -3.33
N GLN B 117 23.13 6.57 -4.10
CA GLN B 117 23.44 7.92 -4.56
C GLN B 117 22.24 8.85 -4.39
N THR B 118 22.51 10.15 -4.25
CA THR B 118 21.48 11.20 -4.20
C THR B 118 21.12 11.64 -5.61
N LEU B 119 19.83 11.89 -5.87
CA LEU B 119 19.40 12.60 -7.07
C LEU B 119 20.03 14.01 -7.04
N PRO B 120 20.71 14.45 -8.13
CA PRO B 120 21.21 15.83 -8.17
C PRO B 120 20.12 16.86 -7.90
N VAL B 121 20.46 17.89 -7.12
CA VAL B 121 19.47 18.80 -6.55
C VAL B 121 18.84 19.74 -7.62
N ILE B 122 19.52 19.95 -8.76
CA ILE B 122 18.90 20.63 -9.92
C ILE B 122 17.62 19.92 -10.41
N TYR B 123 17.63 18.59 -10.45
CA TYR B 123 16.44 17.78 -10.75
C TYR B 123 15.38 17.89 -9.66
N VAL B 124 15.80 17.87 -8.39
CA VAL B 124 14.86 18.05 -7.26
C VAL B 124 14.15 19.40 -7.38
N LYS B 125 14.91 20.45 -7.68
CA LYS B 125 14.37 21.81 -7.90
C LYS B 125 13.38 21.87 -9.05
N LEU B 126 13.78 21.33 -10.20
CA LEU B 126 12.92 21.30 -11.40
C LEU B 126 11.60 20.56 -11.18
N TYR B 127 11.69 19.35 -10.65
CA TYR B 127 10.51 18.51 -10.43
C TYR B 127 9.58 19.10 -9.38
N MET B 128 10.13 19.47 -8.22
CA MET B 128 9.32 20.07 -7.14
C MET B 128 8.66 21.42 -7.49
N TYR B 129 9.39 22.30 -8.16
CA TYR B 129 8.83 23.58 -8.65
C TYR B 129 7.58 23.36 -9.49
N GLN B 130 7.71 22.43 -10.45
CA GLN B 130 6.62 22.10 -11.38
C GLN B 130 5.40 21.47 -10.71
N LEU B 131 5.63 20.58 -9.73
CA LEU B 131 4.58 20.05 -8.85
C LEU B 131 3.83 21.18 -8.15
N PHE B 132 4.57 22.07 -7.50
CA PHE B 132 3.95 23.23 -6.81
C PHE B 132 3.17 24.13 -7.75
N ARG B 133 3.66 24.33 -8.98
CA ARG B 133 2.91 25.06 -9.99
C ARG B 133 1.59 24.36 -10.35
N SER B 134 1.63 23.04 -10.57
CA SER B 134 0.40 22.27 -10.86
C SER B 134 -0.60 22.34 -9.71
N LEU B 135 -0.10 22.26 -8.48
CA LEU B 135 -0.92 22.44 -7.28
C LEU B 135 -1.54 23.84 -7.17
N ALA B 136 -0.77 24.89 -7.49
CA ALA B 136 -1.31 26.26 -7.53
C ALA B 136 -2.51 26.36 -8.48
N TYR B 137 -2.33 25.85 -9.71
CA TYR B 137 -3.40 25.80 -10.70
C TYR B 137 -4.64 25.04 -10.22
N ILE B 138 -4.51 23.79 -9.81
CA ILE B 138 -5.68 23.00 -9.37
C ILE B 138 -6.35 23.58 -8.09
N HIS B 139 -5.54 24.06 -7.12
CA HIS B 139 -6.06 24.73 -5.92
C HIS B 139 -6.83 26.03 -6.23
N SER B 140 -6.47 26.72 -7.33
CA SER B 140 -7.19 27.93 -7.79
C SER B 140 -8.68 27.70 -8.15
N PHE B 141 -9.03 26.45 -8.52
CA PHE B 141 -10.43 26.01 -8.71
C PHE B 141 -11.06 25.36 -7.46
N GLY B 142 -10.42 25.50 -6.29
CA GLY B 142 -10.81 24.76 -5.10
C GLY B 142 -10.57 23.24 -5.08
N ILE B 143 -9.87 22.71 -6.10
CA ILE B 143 -9.69 21.24 -6.24
C ILE B 143 -8.45 20.84 -5.44
N CYS B 144 -8.62 19.86 -4.57
CA CYS B 144 -7.55 19.27 -3.78
C CYS B 144 -7.24 17.89 -4.36
N HIS B 145 -5.99 17.63 -4.72
CA HIS B 145 -5.56 16.35 -5.35
C HIS B 145 -5.78 15.11 -4.46
N ARG B 146 -5.34 15.23 -3.21
CA ARG B 146 -5.52 14.22 -2.14
C ARG B 146 -4.78 12.88 -2.31
N ASP B 147 -3.74 12.87 -3.15
CA ASP B 147 -2.96 11.66 -3.44
C ASP B 147 -1.63 11.96 -4.15
N ILE B 148 -0.92 12.97 -3.62
CA ILE B 148 0.39 13.35 -4.14
C ILE B 148 1.36 12.32 -3.59
N LYS B 149 2.08 11.67 -4.51
CA LYS B 149 3.09 10.66 -4.18
C LYS B 149 4.06 10.50 -5.38
N PRO B 150 5.30 10.03 -5.16
CA PRO B 150 6.26 9.89 -6.29
C PRO B 150 5.76 9.04 -7.48
N GLN B 151 4.92 8.05 -7.20
CA GLN B 151 4.35 7.15 -8.20
C GLN B 151 3.38 7.81 -9.23
N ASN B 152 2.74 8.90 -8.79
N ASN B 152 2.67 8.87 -8.85
CA ASN B 152 1.82 9.74 -9.56
CA ASN B 152 1.84 9.64 -9.82
C ASN B 152 2.41 10.98 -10.26
C ASN B 152 2.38 11.04 -10.11
N LEU B 153 3.71 11.18 -10.14
CA LEU B 153 4.40 12.37 -10.68
C LEU B 153 5.19 11.85 -11.87
N LEU B 154 4.73 12.22 -13.07
CA LEU B 154 5.30 11.74 -14.33
C LEU B 154 6.35 12.72 -14.77
N LEU B 155 7.37 12.20 -15.45
CA LEU B 155 8.57 12.94 -15.88
C LEU B 155 8.93 12.57 -17.31
N ASP B 156 9.28 13.56 -18.12
CA ASP B 156 9.99 13.34 -19.38
C ASP B 156 11.46 13.58 -19.04
N PRO B 157 12.31 12.52 -19.04
CA PRO B 157 13.73 12.71 -18.63
C PRO B 157 14.59 13.65 -19.53
N ASP B 158 14.26 13.76 -20.82
CA ASP B 158 15.01 14.62 -21.76
C ASP B 158 14.74 16.12 -21.51
N THR B 159 13.46 16.49 -21.46
CA THR B 159 13.05 17.89 -21.17
C THR B 159 12.94 18.26 -19.67
N ALA B 160 12.99 17.26 -18.78
CA ALA B 160 12.70 17.44 -17.34
C ALA B 160 11.33 18.07 -17.01
N VAL B 161 10.33 17.86 -17.89
CA VAL B 161 8.97 18.34 -17.67
C VAL B 161 8.30 17.32 -16.76
N LEU B 162 7.69 17.81 -15.68
CA LEU B 162 6.92 17.00 -14.74
C LEU B 162 5.43 17.24 -15.02
N LYS B 163 4.64 16.16 -14.94
CA LYS B 163 3.18 16.21 -15.06
C LYS B 163 2.47 15.41 -13.96
N LEU B 164 1.44 16.04 -13.41
CA LEU B 164 0.48 15.43 -12.48
C LEU B 164 -0.48 14.61 -13.35
N CYS B 165 -0.98 13.48 -12.84
CA CYS B 165 -1.77 12.52 -13.67
C CYS B 165 -2.99 11.77 -13.09
N ASP B 166 -2.98 11.51 -11.78
CA ASP B 166 -3.99 10.71 -11.10
C ASP B 166 -4.98 11.63 -10.39
N PHE B 167 -6.19 11.74 -10.91
CA PHE B 167 -7.28 12.49 -10.26
C PHE B 167 -8.39 11.60 -9.71
N GLY B 168 -8.04 10.35 -9.38
CA GLY B 168 -8.97 9.41 -8.75
C GLY B 168 -9.35 9.73 -7.31
N SER B 169 -8.50 10.48 -6.60
CA SER B 169 -8.78 10.95 -5.23
C SER B 169 -9.18 12.43 -5.15
N ALA B 170 -9.16 13.15 -6.28
CA ALA B 170 -9.34 14.61 -6.29
C ALA B 170 -10.78 15.01 -6.00
N LYS B 171 -10.92 16.13 -5.31
CA LYS B 171 -12.23 16.65 -4.89
C LYS B 171 -12.19 18.16 -4.72
N GLN B 172 -13.27 18.81 -5.15
CA GLN B 172 -13.48 20.23 -4.90
C GLN B 172 -13.91 20.36 -3.42
N LEU B 173 -13.04 20.95 -2.61
CA LEU B 173 -13.30 21.10 -1.17
C LEU B 173 -14.21 22.31 -0.96
N VAL B 174 -15.39 22.05 -0.38
CA VAL B 174 -16.38 23.07 -0.04
C VAL B 174 -16.32 23.20 1.49
N ARG B 175 -16.05 24.41 1.98
CA ARG B 175 -16.03 24.69 3.42
C ARG B 175 -17.44 24.51 4.00
N GLY B 176 -17.54 23.72 5.07
CA GLY B 176 -18.82 23.29 5.65
C GLY B 176 -19.06 21.81 5.42
N GLU B 177 -18.92 21.36 4.17
CA GLU B 177 -19.14 19.96 3.78
C GLU B 177 -17.95 19.06 4.17
N PRO B 178 -18.19 17.98 4.97
CA PRO B 178 -17.08 17.14 5.45
C PRO B 178 -16.51 16.18 4.38
N ASN B 179 -15.25 15.80 4.59
CA ASN B 179 -14.50 14.93 3.66
C ASN B 179 -13.93 13.75 4.44
N VAL B 180 -13.68 12.62 3.76
CA VAL B 180 -13.03 11.46 4.41
C VAL B 180 -11.60 11.78 4.89
N SER B 181 -11.27 11.29 6.08
CA SER B 181 -9.94 11.45 6.67
C SER B 181 -8.96 10.43 6.06
N ILE B 183 -7.38 9.17 3.48
CA ILE B 183 -7.11 9.57 2.09
C ILE B 183 -5.61 9.90 1.98
N CYS B 184 -5.08 9.89 0.75
CA CYS B 184 -3.63 9.99 0.43
C CYS B 184 -2.93 8.67 0.76
N SER B 185 -1.80 8.45 0.11
CA SER B 185 -0.94 7.31 0.42
C SER B 185 -0.27 7.60 1.76
N ARG B 186 -0.22 6.58 2.62
CA ARG B 186 0.11 6.73 4.06
C ARG B 186 1.34 7.56 4.38
N TYR B 187 2.45 7.28 3.71
CA TYR B 187 3.72 7.99 3.99
C TYR B 187 3.67 9.49 3.68
N TYR B 188 2.70 9.92 2.87
CA TYR B 188 2.52 11.29 2.38
C TYR B 188 1.27 11.96 2.99
N ARG B 189 0.66 11.35 4.01
CA ARG B 189 -0.65 11.75 4.53
C ARG B 189 -0.46 12.78 5.63
N ALA B 190 -1.10 13.95 5.50
CA ALA B 190 -0.94 15.04 6.48
C ALA B 190 -1.42 14.64 7.88
N PRO B 191 -0.77 15.16 8.94
CA PRO B 191 -1.09 14.68 10.30
C PRO B 191 -2.55 14.91 10.74
N GLU B 192 -3.17 16.01 10.31
CA GLU B 192 -4.62 16.23 10.50
C GLU B 192 -5.52 15.09 9.97
N LEU B 193 -5.13 14.48 8.85
CA LEU B 193 -5.83 13.29 8.32
C LEU B 193 -5.65 12.07 9.23
N ILE B 194 -4.46 11.91 9.82
CA ILE B 194 -4.19 10.86 10.82
C ILE B 194 -5.00 11.11 12.11
N PHE B 195 -5.06 12.37 12.55
CA PHE B 195 -5.92 12.81 13.68
C PHE B 195 -7.44 12.78 13.41
N GLY B 196 -7.85 12.50 12.17
CA GLY B 196 -9.24 12.24 11.80
C GLY B 196 -10.01 13.48 11.39
N ALA B 197 -9.31 14.50 10.88
CA ALA B 197 -9.95 15.75 10.48
C ALA B 197 -10.79 15.50 9.22
N THR B 198 -12.02 16.00 9.25
CA THR B 198 -12.93 16.04 8.09
C THR B 198 -13.10 17.45 7.51
N ASP B 199 -12.85 18.47 8.33
CA ASP B 199 -12.68 19.85 7.93
C ASP B 199 -11.17 20.03 7.74
N TYR B 200 -10.71 19.72 6.53
CA TYR B 200 -9.35 20.04 6.08
C TYR B 200 -9.38 20.78 4.76
N THR B 201 -8.25 21.42 4.46
CA THR B 201 -8.09 22.27 3.29
C THR B 201 -7.14 21.63 2.31
N SER B 202 -6.92 22.32 1.19
CA SER B 202 -5.93 21.96 0.19
C SER B 202 -4.46 22.00 0.64
N SER B 203 -4.18 22.51 1.84
CA SER B 203 -2.86 22.38 2.47
C SER B 203 -2.38 20.95 2.75
N ILE B 204 -3.27 19.94 2.71
CA ILE B 204 -2.85 18.53 2.75
C ILE B 204 -1.95 18.12 1.57
N ASP B 205 -2.21 18.67 0.37
CA ASP B 205 -1.36 18.46 -0.82
C ASP B 205 0.05 19.05 -0.66
N VAL B 206 0.16 20.15 0.09
CA VAL B 206 1.45 20.79 0.37
C VAL B 206 2.28 19.93 1.32
N TRP B 207 1.65 19.40 2.37
CA TRP B 207 2.29 18.39 3.25
C TRP B 207 2.86 17.25 2.41
N SER B 208 2.00 16.67 1.57
CA SER B 208 2.37 15.58 0.69
C SER B 208 3.53 15.93 -0.22
N ALA B 209 3.47 17.13 -0.82
CA ALA B 209 4.57 17.65 -1.66
C ALA B 209 5.89 17.75 -0.90
N GLY B 210 5.84 18.26 0.33
CA GLY B 210 6.97 18.30 1.25
C GLY B 210 7.58 16.94 1.58
N CYS B 211 6.72 15.93 1.75
CA CYS B 211 7.17 14.54 1.92
C CYS B 211 7.94 14.02 0.69
N VAL B 212 7.49 14.41 -0.51
CA VAL B 212 8.17 14.05 -1.76
C VAL B 212 9.53 14.74 -1.85
N LEU B 213 9.58 16.03 -1.52
CA LEU B 213 10.85 16.79 -1.46
C LEU B 213 11.85 16.13 -0.51
N ALA B 214 11.45 15.97 0.74
CA ALA B 214 12.25 15.29 1.77
C ALA B 214 12.80 13.92 1.33
N GLU B 215 11.95 13.12 0.70
CA GLU B 215 12.31 11.81 0.13
C GLU B 215 13.37 11.85 -0.97
N LEU B 216 13.25 12.83 -1.87
CA LEU B 216 14.25 13.04 -2.92
C LEU B 216 15.60 13.50 -2.35
N LEU B 217 15.56 14.29 -1.28
CA LEU B 217 16.77 14.68 -0.53
C LEU B 217 17.36 13.53 0.28
N LEU B 218 16.52 12.69 0.89
CA LEU B 218 16.97 11.56 1.74
C LEU B 218 17.40 10.29 0.99
N GLY B 219 16.78 10.01 -0.15
CA GLY B 219 16.90 8.73 -0.83
C GLY B 219 15.92 7.66 -0.35
N GLN B 220 14.96 8.05 0.49
CA GLN B 220 13.94 7.13 1.03
C GLN B 220 12.79 7.94 1.66
N PRO B 221 11.59 7.34 1.83
CA PRO B 221 10.48 8.09 2.46
C PRO B 221 10.85 8.56 3.87
N ILE B 222 10.56 9.82 4.16
CA ILE B 222 10.88 10.44 5.45
C ILE B 222 10.03 9.90 6.61
N PHE B 223 8.77 9.51 6.35
CA PHE B 223 7.85 9.02 7.38
C PHE B 223 7.27 7.62 7.03
N PRO B 224 8.14 6.57 7.00
CA PRO B 224 7.71 5.22 6.61
C PRO B 224 7.06 4.47 7.79
N GLY B 225 5.80 4.78 8.04
CA GLY B 225 5.10 4.22 9.19
C GLY B 225 4.26 3.01 8.87
N ASP B 226 3.96 2.25 9.91
CA ASP B 226 2.95 1.20 9.89
C ASP B 226 1.56 1.85 10.01
N SER B 227 0.53 1.03 9.85
CA SER B 227 -0.88 1.38 10.12
C SER B 227 -1.11 2.05 11.49
N GLY B 228 -2.23 2.77 11.58
CA GLY B 228 -2.68 3.38 12.84
C GLY B 228 -1.80 4.51 13.32
N VAL B 229 -1.53 4.51 14.64
N VAL B 229 -1.52 4.54 14.63
CA VAL B 229 -0.71 5.52 15.32
CA VAL B 229 -0.72 5.60 15.25
C VAL B 229 0.77 5.57 14.92
C VAL B 229 0.79 5.59 14.93
N ASP B 230 1.31 4.48 14.36
CA ASP B 230 2.75 4.36 14.03
C ASP B 230 3.25 5.38 13.00
N GLN B 231 2.39 5.75 12.05
CA GLN B 231 2.69 6.82 11.08
C GLN B 231 2.92 8.18 11.75
N LEU B 232 2.08 8.50 12.75
CA LEU B 232 2.26 9.70 13.58
C LEU B 232 3.57 9.63 14.39
N VAL B 233 3.88 8.46 14.95
CA VAL B 233 5.16 8.25 15.68
C VAL B 233 6.38 8.57 14.81
N GLU B 234 6.34 8.11 13.55
CA GLU B 234 7.40 8.44 12.58
C GLU B 234 7.54 9.94 12.28
N ILE B 235 6.40 10.63 12.18
CA ILE B 235 6.38 12.10 12.06
C ILE B 235 6.96 12.76 13.31
N ILE B 236 6.51 12.31 14.49
CA ILE B 236 6.99 12.80 15.81
C ILE B 236 8.51 12.57 15.99
N LYS B 237 9.04 11.45 15.49
CA LYS B 237 10.48 11.19 15.52
C LYS B 237 11.37 12.23 14.78
N VAL B 238 10.81 12.92 13.79
CA VAL B 238 11.50 14.01 13.07
C VAL B 238 11.08 15.37 13.64
N LEU B 239 9.78 15.65 13.56
CA LEU B 239 9.21 16.96 13.92
C LEU B 239 9.15 17.25 15.43
N GLY B 240 9.22 16.22 16.26
CA GLY B 240 8.94 16.34 17.69
C GLY B 240 7.44 16.27 17.93
N THR B 241 7.08 16.12 19.20
CA THR B 241 5.68 15.93 19.60
C THR B 241 4.91 17.24 19.37
N PRO B 242 3.72 17.15 18.73
CA PRO B 242 2.94 18.38 18.51
C PRO B 242 2.35 18.91 19.82
N THR B 243 2.22 20.23 19.89
CA THR B 243 1.61 20.90 21.05
C THR B 243 0.09 20.74 20.99
N ARG B 244 -0.56 21.08 22.11
CA ARG B 244 -2.04 21.11 22.18
C ARG B 244 -2.63 22.12 21.21
N GLU B 245 -1.97 23.28 21.10
CA GLU B 245 -2.30 24.31 20.09
C GLU B 245 -2.22 23.78 18.65
N GLN B 246 -1.15 23.03 18.35
CA GLN B 246 -0.97 22.40 17.02
C GLN B 246 -2.02 21.33 16.76
N ILE B 247 -2.23 20.45 17.75
CA ILE B 247 -3.29 19.40 17.70
C ILE B 247 -4.66 20.00 17.47
N ARG B 248 -4.97 21.08 18.22
CA ARG B 248 -6.22 21.86 18.06
C ARG B 248 -6.38 22.40 16.63
N GLU B 249 -5.30 22.96 16.08
CA GLU B 249 -5.30 23.48 14.68
C GLU B 249 -5.54 22.38 13.61
N MET B 250 -5.11 21.16 13.90
CA MET B 250 -5.34 19.98 13.04
C MET B 250 -6.77 19.44 13.17
N ASN B 251 -7.23 19.24 14.41
CA ASN B 251 -8.58 18.73 14.69
C ASN B 251 -8.93 18.98 16.19
N PRO B 252 -9.97 19.80 16.49
CA PRO B 252 -10.46 19.90 17.87
C PRO B 252 -11.46 18.79 18.22
N PHE B 257 -6.08 9.54 20.35
CA PHE B 257 -4.79 8.86 20.36
C PHE B 257 -3.97 9.12 21.63
N LYS B 258 -2.92 8.32 21.79
CA LYS B 258 -1.85 8.55 22.78
C LYS B 258 -0.49 8.28 22.10
N PHE B 259 0.47 9.17 22.34
CA PHE B 259 1.74 9.24 21.60
C PHE B 259 2.86 9.84 22.48
N PRO B 260 4.13 9.46 22.23
CA PRO B 260 5.21 9.83 23.17
C PRO B 260 5.62 11.31 23.13
N GLN B 261 6.26 11.74 24.22
CA GLN B 261 6.86 13.09 24.35
C GLN B 261 8.32 13.06 23.88
N ILE B 262 8.55 13.55 22.66
CA ILE B 262 9.84 13.50 21.98
C ILE B 262 10.17 14.91 21.49
N LYS B 263 11.41 15.36 21.74
CA LYS B 263 11.92 16.62 21.21
C LYS B 263 12.20 16.47 19.71
N ALA B 264 12.05 17.57 18.97
CA ALA B 264 12.30 17.59 17.53
C ALA B 264 13.75 17.24 17.23
N HIS B 265 13.97 16.33 16.26
CA HIS B 265 15.32 16.04 15.77
C HIS B 265 15.79 17.26 14.96
N PRO B 266 17.02 17.80 15.24
CA PRO B 266 17.50 18.99 14.51
C PRO B 266 17.46 18.85 12.98
N TRP B 267 16.90 19.86 12.31
CA TRP B 267 16.61 19.81 10.85
C TRP B 267 17.82 19.52 9.95
N THR B 268 18.99 20.05 10.32
CA THR B 268 20.26 19.73 9.64
C THR B 268 20.66 18.25 9.81
N LYS B 269 20.43 17.71 11.01
CA LYS B 269 20.72 16.29 11.33
C LYS B 269 19.75 15.25 10.74
N VAL B 270 18.55 15.67 10.29
CA VAL B 270 17.57 14.77 9.62
C VAL B 270 18.12 14.30 8.25
N PHE B 271 18.70 15.24 7.51
CA PHE B 271 19.26 15.00 6.17
C PHE B 271 20.79 14.83 6.20
N ARG B 272 21.36 14.46 5.04
CA ARG B 272 22.81 14.28 4.87
C ARG B 272 23.56 15.62 5.05
N PRO B 273 24.85 15.58 5.50
CA PRO B 273 25.68 16.80 5.67
C PRO B 273 25.73 17.79 4.49
N ARG B 274 25.80 17.26 3.27
CA ARG B 274 25.89 18.08 2.05
C ARG B 274 24.57 18.77 1.60
N THR B 275 23.41 18.38 2.16
CA THR B 275 22.07 18.87 1.73
C THR B 275 21.98 20.39 1.79
N PRO B 276 21.65 21.09 0.64
CA PRO B 276 21.58 22.56 0.63
C PRO B 276 20.67 23.12 1.73
N PRO B 277 21.14 24.11 2.53
CA PRO B 277 20.29 24.68 3.62
C PRO B 277 18.90 25.18 3.20
N GLU B 278 18.76 25.68 1.97
CA GLU B 278 17.46 26.15 1.47
C GLU B 278 16.47 25.03 1.14
N ALA B 279 16.98 23.84 0.75
CA ALA B 279 16.15 22.63 0.66
C ALA B 279 15.52 22.25 2.00
N ILE B 280 16.38 22.22 3.03
CA ILE B 280 15.99 21.97 4.43
C ILE B 280 15.00 23.02 4.94
N ALA B 281 15.27 24.30 4.64
CA ALA B 281 14.38 25.41 5.00
C ALA B 281 12.99 25.27 4.37
N LEU B 282 12.96 24.97 3.07
CA LEU B 282 11.70 24.74 2.35
C LEU B 282 10.89 23.60 2.98
N CYS B 283 11.55 22.48 3.23
N CYS B 283 11.56 22.47 3.23
CA CYS B 283 10.97 21.33 3.90
CA CYS B 283 10.97 21.31 3.93
C CYS B 283 10.33 21.65 5.26
C CYS B 283 10.32 21.66 5.26
N SER B 284 11.01 22.48 6.06
CA SER B 284 10.49 22.95 7.37
C SER B 284 9.20 23.80 7.28
N ARG B 285 9.10 24.58 6.20
CA ARG B 285 7.91 25.41 5.91
C ARG B 285 6.78 24.67 5.18
N LEU B 286 7.06 23.48 4.65
CA LEU B 286 6.03 22.60 4.08
C LEU B 286 5.51 21.60 5.11
N LEU B 287 6.41 20.98 5.86
CA LEU B 287 6.05 19.94 6.84
C LEU B 287 5.78 20.52 8.24
N GLU B 288 4.74 21.35 8.29
CA GLU B 288 4.29 22.03 9.50
C GLU B 288 3.07 21.28 10.03
N TYR B 289 3.01 21.09 11.36
CA TYR B 289 1.80 20.53 12.00
C TYR B 289 0.58 21.40 11.74
N THR B 290 0.70 22.71 11.99
CA THR B 290 -0.42 23.66 11.81
C THR B 290 -0.68 23.82 10.30
N PRO B 291 -1.86 23.36 9.81
CA PRO B 291 -2.07 23.41 8.35
C PRO B 291 -2.01 24.79 7.68
N THR B 292 -2.53 25.81 8.36
CA THR B 292 -2.45 27.20 7.87
C THR B 292 -1.04 27.79 7.89
N ALA B 293 -0.13 27.26 8.72
CA ALA B 293 1.29 27.70 8.72
C ALA B 293 2.10 27.22 7.50
N ARG B 294 1.58 26.25 6.75
CA ARG B 294 2.24 25.74 5.54
C ARG B 294 2.24 26.80 4.43
N LEU B 295 3.32 26.84 3.65
CA LEU B 295 3.39 27.70 2.47
C LEU B 295 2.29 27.30 1.49
N THR B 296 1.77 28.27 0.76
CA THR B 296 0.90 27.97 -0.39
C THR B 296 1.78 27.46 -1.53
N PRO B 297 1.16 26.79 -2.54
CA PRO B 297 1.97 26.32 -3.67
C PRO B 297 2.79 27.40 -4.39
N LEU B 298 2.21 28.58 -4.65
CA LEU B 298 2.95 29.72 -5.23
C LEU B 298 4.09 30.23 -4.34
N GLU B 299 3.85 30.33 -3.04
CA GLU B 299 4.90 30.70 -2.07
C GLU B 299 6.05 29.70 -2.07
N ALA B 300 5.71 28.40 -2.13
CA ALA B 300 6.70 27.35 -2.35
C ALA B 300 7.50 27.60 -3.65
N CYS B 301 6.83 27.87 -4.77
CA CYS B 301 7.52 28.24 -6.05
C CYS B 301 8.48 29.45 -5.94
N ALA B 302 8.06 30.45 -5.18
CA ALA B 302 8.85 31.65 -4.89
C ALA B 302 10.06 31.45 -3.94
N HIS B 303 10.15 30.30 -3.26
CA HIS B 303 11.13 30.06 -2.17
C HIS B 303 12.56 30.00 -2.72
N SER B 304 13.53 30.38 -1.89
CA SER B 304 14.92 30.52 -2.31
C SER B 304 15.61 29.21 -2.79
N PHE B 305 15.12 28.06 -2.36
CA PHE B 305 15.46 26.74 -2.96
C PHE B 305 15.39 26.69 -4.49
N PHE B 306 14.43 27.40 -5.09
CA PHE B 306 14.27 27.45 -6.55
C PHE B 306 15.02 28.61 -7.24
N ASP B 307 15.88 29.35 -6.52
CA ASP B 307 16.62 30.53 -7.06
C ASP B 307 17.37 30.22 -8.34
N GLU B 308 18.06 29.08 -8.35
CA GLU B 308 18.79 28.58 -9.54
C GLU B 308 17.94 28.46 -10.81
N LEU B 309 16.67 28.09 -10.67
CA LEU B 309 15.74 28.02 -11.80
C LEU B 309 15.41 29.38 -12.41
N ARG B 310 15.44 30.44 -11.60
CA ARG B 310 15.25 31.84 -12.05
C ARG B 310 16.51 32.54 -12.62
N ASP B 311 17.67 31.90 -12.52
CA ASP B 311 18.94 32.39 -13.12
C ASP B 311 18.75 32.42 -14.65
N PRO B 312 18.98 33.59 -15.31
CA PRO B 312 18.84 33.61 -16.79
C PRO B 312 19.76 32.65 -17.58
N ASN B 313 20.90 32.25 -16.99
CA ASN B 313 21.85 31.30 -17.62
C ASN B 313 21.67 29.83 -17.19
N VAL B 314 20.61 29.48 -16.46
CA VAL B 314 20.39 28.09 -16.03
C VAL B 314 20.13 27.20 -17.26
N LYS B 315 20.71 26.00 -17.20
CA LYS B 315 20.52 24.96 -18.20
C LYS B 315 20.25 23.65 -17.48
N LEU B 316 19.65 22.70 -18.19
CA LEU B 316 19.61 21.29 -17.74
C LEU B 316 21.04 20.72 -17.76
N PRO B 317 21.31 19.63 -17.00
CA PRO B 317 22.61 18.94 -17.10
C PRO B 317 23.07 18.50 -18.51
N ASN B 318 22.13 18.08 -19.36
CA ASN B 318 22.43 17.79 -20.80
C ASN B 318 22.81 19.01 -21.69
N GLY B 319 22.72 20.23 -21.17
CA GLY B 319 23.06 21.45 -21.91
C GLY B 319 21.89 22.16 -22.58
N ARG B 320 20.71 21.52 -22.66
CA ARG B 320 19.49 22.15 -23.19
C ARG B 320 18.94 23.15 -22.20
N ASP B 321 18.01 23.97 -22.68
CA ASP B 321 17.29 24.91 -21.82
C ASP B 321 16.30 24.17 -20.91
N THR B 322 16.01 24.78 -19.76
CA THR B 322 14.92 24.33 -18.90
C THR B 322 13.56 24.56 -19.60
N PRO B 323 12.49 23.89 -19.12
CA PRO B 323 11.14 24.22 -19.61
C PRO B 323 10.64 25.60 -19.12
N ALA B 324 9.48 26.00 -19.62
CA ALA B 324 8.85 27.27 -19.27
C ALA B 324 8.27 27.21 -17.86
N LEU B 325 8.96 27.85 -16.91
CA LEU B 325 8.60 27.86 -15.49
C LEU B 325 7.89 29.14 -15.02
N PHE B 326 7.90 30.20 -15.83
CA PHE B 326 7.46 31.55 -15.42
C PHE B 326 6.33 32.17 -16.25
N ASN B 327 5.74 31.43 -17.18
CA ASN B 327 4.62 31.93 -18.03
C ASN B 327 3.27 31.76 -17.29
N PHE B 328 3.18 32.39 -16.12
CA PHE B 328 2.06 32.18 -15.20
C PHE B 328 0.81 32.88 -15.75
N THR B 329 -0.30 32.16 -15.79
CA THR B 329 -1.60 32.74 -16.16
C THR B 329 -2.20 33.51 -14.98
N THR B 330 -3.25 34.27 -15.29
CA THR B 330 -4.06 34.98 -14.31
C THR B 330 -4.74 34.01 -13.35
N GLN B 331 -5.24 32.89 -13.88
CA GLN B 331 -5.82 31.80 -13.08
C GLN B 331 -4.84 31.28 -12.03
N GLU B 332 -3.63 30.93 -12.49
CA GLU B 332 -2.52 30.48 -11.63
C GLU B 332 -2.12 31.48 -10.53
N LEU B 333 -2.13 32.77 -10.87
CA LEU B 333 -1.75 33.84 -9.93
C LEU B 333 -2.87 34.32 -8.99
N SER B 334 -4.09 33.79 -9.13
CA SER B 334 -5.29 34.37 -8.50
C SER B 334 -5.37 34.31 -6.97
N SER B 335 -4.69 33.35 -6.34
CA SER B 335 -4.60 33.32 -4.86
C SER B 335 -3.83 34.52 -4.28
N ASN B 336 -2.91 35.11 -5.07
CA ASN B 336 -2.09 36.26 -4.64
C ASN B 336 -1.48 36.96 -5.88
N PRO B 337 -2.28 37.77 -6.61
CA PRO B 337 -1.76 38.46 -7.81
C PRO B 337 -0.51 39.36 -7.63
N PRO B 338 -0.37 40.04 -6.45
CA PRO B 338 0.89 40.76 -6.17
C PRO B 338 2.20 39.94 -6.09
N LEU B 339 2.13 38.61 -5.94
CA LEU B 339 3.31 37.72 -6.07
C LEU B 339 3.96 37.64 -7.47
N ALA B 340 3.28 38.09 -8.53
CA ALA B 340 3.72 37.97 -9.93
C ALA B 340 5.22 38.22 -10.20
N THR B 341 5.69 39.43 -9.91
CA THR B 341 7.09 39.82 -10.17
C THR B 341 8.12 39.19 -9.21
N ILE B 342 7.67 38.67 -8.06
CA ILE B 342 8.51 37.85 -7.16
C ILE B 342 8.72 36.45 -7.77
N LEU B 343 7.67 35.88 -8.34
CA LEU B 343 7.77 34.60 -9.08
C LEU B 343 8.54 34.75 -10.38
N ILE B 344 8.18 35.77 -11.17
CA ILE B 344 8.63 35.92 -12.54
C ILE B 344 9.89 36.78 -12.47
N PRO B 345 11.09 36.22 -12.79
CA PRO B 345 12.30 37.06 -12.78
C PRO B 345 12.33 38.05 -13.98
N PRO B 346 13.16 39.14 -13.90
CA PRO B 346 13.19 40.22 -14.93
C PRO B 346 13.24 39.76 -16.39
N HIS B 347 14.14 38.83 -16.69
CA HIS B 347 14.28 38.26 -18.05
C HIS B 347 13.06 37.54 -18.64
N ALA B 348 12.16 37.02 -17.80
CA ALA B 348 10.91 36.36 -18.23
C ALA B 348 9.66 37.28 -18.24
N ARG B 349 9.84 38.58 -17.98
CA ARG B 349 8.75 39.56 -18.03
C ARG B 349 8.67 40.18 -19.43
#